data_3C5W
#
_entry.id   3C5W
#
_cell.length_a   129.292
_cell.length_b   54.839
_cell.length_c   125.146
_cell.angle_alpha   90.00
_cell.angle_beta   110.87
_cell.angle_gamma   90.00
#
_symmetry.space_group_name_H-M   'C 1 2 1'
#
loop_
_entity.id
_entity.type
_entity.pdbx_description
1 polymer 'PP2A A subunit'
2 polymer 'PP2A C subunit'
3 polymer 'PP2A-specific methylesterase PME-1'
4 water water
#
loop_
_entity_poly.entity_id
_entity_poly.type
_entity_poly.pdbx_seq_one_letter_code
_entity_poly.pdbx_strand_id
1 'polypeptide(L)'
;GSHMSLYPIAVLIDELRNEDVQLRLNSIKKLSTIALALGVERLSQSLLPAIVELAEDAKWRVRLAIIEYMPLLAGQLGVE
FFDEKLNSLCMAWLVDHVYAIREAATSNLKKLVEKFGKEWAHATIIPKVLAMSGDPNYLHRMTTLFCINVLSEVCGQDIT
TKHMLPTVLRMAGDPVANVRFNVAKSLQKIGPILDNSTLQSEVKPILEKLTQDQDVDVKYFAQEALTVLSLA
;
A
2 'polypeptide(L)'
;GMDEKVFTKELDQWIEQLNECKQLSESQVKSLCEKAKEILTKESNVQEVRCPVTVCGDVHGQFHDLMELFRIGGKSPDTN
YLFMGDYVDRGYYSVETVTLLVALKVRYRERITILRGNHESRQITQVYGFYDECLRKYGNANVWKYFTDLFDYLPLTALV
DGQIFCLHGGLSPSIDTLDHIRALDRLQEVPHEGPMCDLLWSDPDDRGGWGISPRGAGYTFGQDISETFNHANGLTLVSR
AHQLVMEGYNWCHDRNVVTIFSAPNYCYRCGNQAAIMELDDTLKYSFLQFDPAPRRGEPHVTRRTPDYFL
;
C
3 'polypeptide(L)'
;GSHMRDFSPVPWSQYFESMEDVEVENETGKDTFRVYKSGSEGPVLLLLHGGGHSALSWAVFTAAIISRVQCRIVALDLRS
HGETKVKNPEDLSAETMAKDVGNVVEAMYGDLPPPIMLIGHAMGGAIAVHTASSNLVPSLLGLCMIDVVEGTAMDALNSM
QNFLRGRPKTFKSLENAIEWSVKSGQIRNLESARVSMVGQVKQCEGKPYTWRIELAKTEKYWDGWFRGLSNLFLSCPIPK
LLLLAGVDRLDKDLTIGQMQGKFQMQVLPQCGHAVHEDAPDKVAEAVATFLIRHRFAEPIGGFQCVFPGC
;
P
#
# COMPACT_ATOMS: atom_id res chain seq x y z
N SER A 5 14.26 27.99 40.02
CA SER A 5 13.88 28.65 38.74
C SER A 5 15.07 28.76 37.77
N LEU A 6 16.19 28.16 38.16
CA LEU A 6 17.42 28.17 37.37
C LEU A 6 17.83 26.76 36.93
N TYR A 7 17.04 25.76 37.37
CA TYR A 7 17.30 24.35 37.06
C TYR A 7 16.37 23.74 35.99
N PRO A 8 15.12 24.26 35.84
CA PRO A 8 14.18 23.62 34.90
C PRO A 8 14.61 23.73 33.44
N ILE A 9 15.75 24.37 33.20
CA ILE A 9 16.34 24.48 31.88
C ILE A 9 17.00 23.15 31.51
N ALA A 10 17.62 22.51 32.50
CA ALA A 10 18.22 21.19 32.34
C ALA A 10 17.18 20.15 31.97
N VAL A 11 16.00 20.28 32.59
CA VAL A 11 14.87 19.41 32.34
C VAL A 11 14.33 19.68 30.95
N LEU A 12 14.05 20.94 30.67
CA LEU A 12 13.60 21.38 29.35
C LEU A 12 14.54 20.91 28.23
N ILE A 13 15.84 21.05 28.46
CA ILE A 13 16.85 20.65 27.48
C ILE A 13 16.80 19.14 27.22
N ASP A 14 16.86 18.35 28.29
CA ASP A 14 16.86 16.89 28.18
C ASP A 14 15.81 16.41 27.17
N GLU A 15 14.60 16.96 27.32
CA GLU A 15 13.45 16.58 26.51
C GLU A 15 13.52 17.11 25.07
N LEU A 16 14.23 18.23 24.89
CA LEU A 16 14.40 18.82 23.56
C LEU A 16 15.35 18.03 22.67
N ARG A 17 16.15 17.16 23.30
CA ARG A 17 17.08 16.30 22.56
C ARG A 17 16.74 14.80 22.66
N ASN A 18 15.59 14.49 23.26
CA ASN A 18 15.12 13.11 23.43
C ASN A 18 14.87 12.36 22.11
N GLU A 19 14.77 11.04 22.19
CA GLU A 19 14.54 10.18 21.02
C GLU A 19 13.12 10.36 20.48
N ASP A 20 12.13 10.26 21.36
CA ASP A 20 10.72 10.38 20.99
C ASP A 20 10.35 11.76 20.48
N VAL A 21 9.81 11.79 19.27
CA VAL A 21 9.37 13.02 18.60
C VAL A 21 8.35 13.78 19.45
N GLN A 22 7.50 13.03 20.17
CA GLN A 22 6.39 13.60 20.94
C GLN A 22 6.82 14.55 22.06
N LEU A 23 7.85 14.14 22.81
CA LEU A 23 8.38 15.00 23.86
C LEU A 23 8.98 16.27 23.29
N ARG A 24 9.82 16.12 22.27
CA ARG A 24 10.44 17.24 21.55
C ARG A 24 9.44 18.32 21.13
N LEU A 25 8.40 17.92 20.39
CA LEU A 25 7.45 18.85 19.79
C LEU A 25 6.67 19.68 20.81
N ASN A 26 6.14 19.02 21.83
CA ASN A 26 5.30 19.67 22.83
C ASN A 26 6.09 20.57 23.78
N SER A 27 7.27 20.10 24.19
CA SER A 27 8.17 20.92 25.00
C SER A 27 8.68 22.17 24.26
N ILE A 28 8.68 22.11 22.93
CA ILE A 28 9.01 23.28 22.09
C ILE A 28 7.94 24.37 22.25
N LYS A 29 6.67 23.96 22.23
CA LYS A 29 5.55 24.87 22.47
C LYS A 29 5.38 25.08 23.97
N LYS A 30 6.48 25.51 24.60
CA LYS A 30 6.62 25.66 26.04
C LYS A 30 7.79 26.63 26.28
N LEU A 31 8.57 26.87 25.22
CA LEU A 31 9.74 27.73 25.25
C LEU A 31 9.42 29.21 25.44
N SER A 32 8.27 29.66 24.93
CA SER A 32 7.85 31.05 25.04
C SER A 32 7.75 31.51 26.49
N THR A 33 7.08 30.70 27.32
CA THR A 33 6.89 30.99 28.74
C THR A 33 8.22 30.92 29.50
N ILE A 34 9.10 30.02 29.05
CA ILE A 34 10.41 29.85 29.65
C ILE A 34 11.38 30.94 29.21
N ALA A 35 11.13 31.53 28.05
CA ALA A 35 11.87 32.71 27.60
C ALA A 35 11.53 33.91 28.48
N LEU A 36 10.25 34.11 28.75
CA LEU A 36 9.78 35.21 29.62
C LEU A 36 10.10 34.97 31.09
N ALA A 37 10.56 33.77 31.43
CA ALA A 37 10.96 33.43 32.80
C ALA A 37 12.14 34.31 33.23
N LEU A 38 13.24 34.23 32.48
CA LEU A 38 14.40 35.12 32.66
C LEU A 38 15.34 34.95 31.46
N GLY A 39 15.02 35.61 30.35
CA GLY A 39 15.74 35.41 29.09
C GLY A 39 16.31 36.66 28.44
N VAL A 40 17.39 37.18 29.02
CA VAL A 40 18.16 38.27 28.43
C VAL A 40 19.52 37.73 27.97
N GLU A 41 20.20 37.02 28.87
CA GLU A 41 21.45 36.34 28.57
C GLU A 41 21.29 34.82 28.54
N ARG A 42 20.21 34.34 29.15
CA ARG A 42 19.95 32.89 29.25
C ARG A 42 19.67 32.26 27.90
N LEU A 43 18.76 32.87 27.14
CA LEU A 43 18.45 32.43 25.79
C LEU A 43 19.67 32.48 24.88
N SER A 44 20.60 33.40 25.17
CA SER A 44 21.81 33.61 24.38
C SER A 44 22.63 32.34 24.15
N GLN A 45 22.99 31.64 25.23
CA GLN A 45 23.88 30.48 25.12
C GLN A 45 23.34 29.26 25.86
N SER A 46 22.53 29.49 26.89
CA SER A 46 22.00 28.38 27.70
C SER A 46 20.85 27.63 27.03
N LEU A 47 20.31 28.16 25.93
CA LEU A 47 19.09 27.61 25.31
C LEU A 47 19.02 27.75 23.79
N LEU A 48 19.57 28.82 23.24
CA LEU A 48 19.54 29.03 21.78
C LEU A 48 20.26 27.93 20.99
N PRO A 49 21.45 27.49 21.45
CA PRO A 49 22.13 26.39 20.76
C PRO A 49 21.22 25.17 20.52
N ALA A 50 20.42 24.81 21.52
CA ALA A 50 19.47 23.71 21.39
C ALA A 50 18.40 24.02 20.33
N ILE A 51 17.99 25.29 20.25
CA ILE A 51 17.02 25.75 19.26
C ILE A 51 17.62 25.66 17.86
N VAL A 52 18.88 26.09 17.73
CA VAL A 52 19.62 26.09 16.46
C VAL A 52 19.70 24.70 15.82
N GLU A 53 20.01 23.69 16.62
CA GLU A 53 20.09 22.32 16.12
C GLU A 53 18.70 21.80 15.75
N LEU A 54 17.72 22.09 16.60
CA LEU A 54 16.32 21.70 16.34
C LEU A 54 15.77 22.31 15.05
N ALA A 55 16.41 23.38 14.59
CA ALA A 55 16.07 24.01 13.32
C ALA A 55 16.33 23.05 12.15
N GLU A 56 17.27 22.12 12.32
CA GLU A 56 17.60 21.15 11.27
C GLU A 56 17.41 19.68 11.70
N ASP A 57 16.55 19.47 12.69
CA ASP A 57 16.08 18.14 13.08
C ASP A 57 15.53 17.42 11.85
N ALA A 58 15.78 16.13 11.72
CA ALA A 58 15.38 15.36 10.53
C ALA A 58 13.87 15.18 10.38
N LYS A 59 13.15 15.32 11.49
CA LYS A 59 11.69 15.18 11.49
C LYS A 59 11.01 16.53 11.22
N TRP A 60 10.52 16.70 9.99
CA TRP A 60 10.05 18.01 9.51
C TRP A 60 9.05 18.74 10.42
N ARG A 61 8.21 17.97 11.11
CA ARG A 61 7.26 18.52 12.09
C ARG A 61 7.95 19.29 13.20
N VAL A 62 9.15 18.84 13.56
CA VAL A 62 9.98 19.52 14.57
C VAL A 62 10.57 20.82 14.00
N ARG A 63 10.90 20.83 12.71
CA ARG A 63 11.34 22.06 12.07
C ARG A 63 10.19 23.05 12.02
N LEU A 64 8.98 22.56 11.73
CA LEU A 64 7.77 23.39 11.78
C LEU A 64 7.60 24.07 13.15
N ALA A 65 7.76 23.29 14.22
CA ALA A 65 7.62 23.78 15.60
C ALA A 65 8.61 24.90 15.94
N ILE A 66 9.77 24.89 15.28
CA ILE A 66 10.75 25.97 15.45
C ILE A 66 10.36 27.19 14.63
N ILE A 67 10.04 26.97 13.35
CA ILE A 67 9.64 28.06 12.45
C ILE A 67 8.52 28.90 13.05
N GLU A 68 7.50 28.24 13.61
CA GLU A 68 6.35 28.92 14.18
C GLU A 68 6.68 29.66 15.50
N TYR A 69 7.74 29.21 16.15
CA TYR A 69 8.20 29.82 17.39
C TYR A 69 9.14 31.00 17.11
N MET A 70 9.70 31.04 15.91
CA MET A 70 10.71 32.05 15.56
C MET A 70 10.27 33.52 15.80
N PRO A 71 9.10 33.94 15.27
CA PRO A 71 8.76 35.35 15.43
C PRO A 71 8.76 35.84 16.89
N LEU A 72 8.21 35.04 17.81
CA LEU A 72 8.21 35.38 19.23
C LEU A 72 9.63 35.44 19.80
N LEU A 73 10.50 34.56 19.30
CA LEU A 73 11.91 34.55 19.69
C LEU A 73 12.66 35.74 19.11
N ALA A 74 12.57 35.91 17.79
CA ALA A 74 13.19 37.04 17.10
C ALA A 74 12.74 38.36 17.72
N GLY A 75 11.52 38.38 18.25
CA GLY A 75 11.02 39.54 19.00
C GLY A 75 11.91 39.86 20.19
N GLN A 76 12.06 38.89 21.10
CA GLN A 76 12.79 39.11 22.37
C GLN A 76 14.29 39.30 22.22
N LEU A 77 14.86 38.90 21.09
CA LEU A 77 16.25 39.19 20.80
C LEU A 77 16.43 40.59 20.21
N GLY A 78 15.51 40.96 19.33
CA GLY A 78 15.55 42.26 18.66
C GLY A 78 16.25 42.22 17.32
N VAL A 79 15.96 43.22 16.49
CA VAL A 79 16.52 43.36 15.14
C VAL A 79 18.04 43.21 15.05
N GLU A 80 18.78 43.81 16.00
CA GLU A 80 20.24 43.86 15.95
C GLU A 80 20.96 42.52 16.18
N PHE A 81 20.22 41.55 16.70
CA PHE A 81 20.76 40.21 16.98
C PHE A 81 20.10 39.15 16.09
N PHE A 82 19.37 39.61 15.08
CA PHE A 82 18.68 38.73 14.16
C PHE A 82 19.52 38.43 12.92
N ASP A 83 20.10 39.47 12.33
CA ASP A 83 20.96 39.31 11.16
C ASP A 83 22.18 38.45 11.52
N GLU A 84 22.44 38.36 12.82
CA GLU A 84 23.48 37.51 13.40
C GLU A 84 23.17 36.02 13.19
N LYS A 85 22.61 35.38 14.21
CA LYS A 85 22.47 33.93 14.24
C LYS A 85 21.31 33.40 13.39
N LEU A 86 20.21 34.14 13.39
CA LEU A 86 18.92 33.61 12.95
C LEU A 86 18.54 33.87 11.49
N ASN A 87 19.16 34.88 10.87
CA ASN A 87 18.92 35.20 9.46
C ASN A 87 19.18 34.00 8.54
N SER A 88 20.30 33.32 8.75
CA SER A 88 20.66 32.15 7.95
C SER A 88 19.67 31.01 8.16
N LEU A 89 19.28 30.78 9.41
CA LEU A 89 18.24 29.80 9.73
C LEU A 89 16.94 30.08 8.99
N CYS A 90 16.50 31.34 9.03
CA CYS A 90 15.27 31.73 8.36
C CYS A 90 15.36 31.55 6.84
N MET A 91 16.49 31.93 6.24
CA MET A 91 16.65 31.80 4.78
C MET A 91 16.76 30.35 4.32
N ALA A 92 17.45 29.53 5.11
CA ALA A 92 17.74 28.13 4.73
C ALA A 92 16.49 27.27 4.70
N TRP A 93 15.50 27.63 5.53
CA TRP A 93 14.21 26.94 5.55
C TRP A 93 13.45 27.13 4.24
N LEU A 94 13.66 28.27 3.59
CA LEU A 94 12.97 28.57 2.33
C LEU A 94 13.32 27.55 1.27
N VAL A 95 14.45 26.87 1.47
CA VAL A 95 15.04 26.02 0.46
C VAL A 95 15.12 24.55 0.95
N ASP A 96 14.48 24.30 2.10
CA ASP A 96 14.26 22.98 2.70
C ASP A 96 13.65 22.01 1.69
N HIS A 97 13.93 20.72 1.86
CA HIS A 97 13.42 19.70 0.97
C HIS A 97 11.90 19.51 1.07
N VAL A 98 11.33 19.74 2.26
CA VAL A 98 9.90 19.56 2.50
C VAL A 98 9.11 20.85 2.25
N TYR A 99 8.16 20.79 1.30
CA TYR A 99 7.35 21.96 0.95
C TYR A 99 6.70 22.66 2.13
N ALA A 100 6.14 21.89 3.06
CA ALA A 100 5.47 22.46 4.22
C ALA A 100 6.40 23.32 5.08
N ILE A 101 7.71 23.05 5.00
CA ILE A 101 8.70 23.87 5.67
C ILE A 101 8.92 25.17 4.90
N ARG A 102 9.17 25.05 3.58
CA ARG A 102 9.31 26.20 2.70
C ARG A 102 8.10 27.12 2.80
N GLU A 103 6.93 26.53 2.93
CA GLU A 103 5.67 27.27 3.02
C GLU A 103 5.51 27.97 4.37
N ALA A 104 5.89 27.29 5.45
CA ALA A 104 5.82 27.90 6.78
C ALA A 104 6.86 29.02 6.90
N ALA A 105 8.03 28.80 6.29
CA ALA A 105 9.13 29.75 6.28
C ALA A 105 8.75 31.01 5.52
N THR A 106 7.90 30.83 4.52
CA THR A 106 7.39 31.92 3.74
C THR A 106 6.54 32.83 4.62
N SER A 107 5.52 32.25 5.25
CA SER A 107 4.64 33.02 6.13
C SER A 107 5.37 33.50 7.40
N ASN A 108 6.54 32.93 7.66
CA ASN A 108 7.37 33.35 8.78
C ASN A 108 8.02 34.71 8.57
N LEU A 109 8.46 34.96 7.33
CA LEU A 109 9.04 36.26 6.95
C LEU A 109 8.04 37.39 7.19
N LYS A 110 6.76 37.13 6.88
CA LYS A 110 5.69 38.10 7.08
C LYS A 110 5.62 38.51 8.54
N LYS A 111 5.61 37.52 9.42
CA LYS A 111 5.54 37.78 10.85
C LYS A 111 6.77 38.54 11.31
N LEU A 112 7.90 38.27 10.65
CA LEU A 112 9.13 39.03 10.92
C LEU A 112 9.05 40.50 10.49
N VAL A 113 8.54 40.75 9.28
CA VAL A 113 8.34 42.12 8.80
C VAL A 113 7.33 42.86 9.68
N GLU A 114 6.37 42.11 10.23
CA GLU A 114 5.40 42.68 11.15
C GLU A 114 6.05 43.23 12.42
N LYS A 115 7.12 42.58 12.87
CA LYS A 115 7.83 43.00 14.07
C LYS A 115 8.91 44.05 13.80
N PHE A 116 9.73 43.83 12.76
CA PHE A 116 10.90 44.70 12.53
C PHE A 116 10.72 45.89 11.58
N GLY A 117 9.67 45.89 10.77
CA GLY A 117 9.38 47.02 9.89
C GLY A 117 9.78 46.80 8.44
N LYS A 118 9.06 47.48 7.54
CA LYS A 118 9.22 47.31 6.10
C LYS A 118 10.60 47.74 5.59
N GLU A 119 11.19 48.69 6.32
CA GLU A 119 12.53 49.19 6.00
C GLU A 119 13.54 48.07 6.19
N TRP A 120 13.51 47.44 7.37
CA TRP A 120 14.36 46.31 7.71
C TRP A 120 14.28 45.19 6.66
N ALA A 121 13.08 44.96 6.14
CA ALA A 121 12.83 43.96 5.14
C ALA A 121 13.52 44.27 3.81
N HIS A 122 13.45 45.53 3.38
CA HIS A 122 14.07 45.97 2.12
C HIS A 122 15.58 45.76 2.13
N ALA A 123 16.18 45.90 3.31
CA ALA A 123 17.60 45.67 3.47
C ALA A 123 17.91 44.18 3.52
N THR A 124 17.48 43.54 4.61
CA THR A 124 17.88 42.17 4.93
C THR A 124 17.19 41.10 4.07
N ILE A 125 15.86 41.08 4.10
CA ILE A 125 15.10 39.93 3.64
C ILE A 125 14.96 39.87 2.12
N ILE A 126 14.42 40.94 1.55
CA ILE A 126 14.01 40.95 0.15
C ILE A 126 15.08 40.47 -0.86
N PRO A 127 16.36 40.91 -0.71
CA PRO A 127 17.35 40.41 -1.65
C PRO A 127 17.53 38.88 -1.64
N LYS A 128 17.60 38.29 -0.46
CA LYS A 128 17.79 36.84 -0.33
C LYS A 128 16.61 36.05 -0.90
N VAL A 129 15.44 36.68 -0.85
CA VAL A 129 14.23 36.18 -1.50
C VAL A 129 14.29 36.33 -3.03
N LEU A 130 14.92 37.40 -3.51
CA LEU A 130 15.07 37.62 -4.96
C LEU A 130 16.06 36.65 -5.60
N ALA A 131 16.98 36.13 -4.80
CA ALA A 131 17.97 35.15 -5.25
C ALA A 131 17.32 33.89 -5.81
N MET A 132 16.36 33.33 -5.08
CA MET A 132 15.72 32.08 -5.48
C MET A 132 15.00 32.16 -6.83
N SER A 133 14.84 33.37 -7.36
CA SER A 133 14.21 33.56 -8.68
C SER A 133 15.04 32.93 -9.81
N GLY A 134 16.36 32.91 -9.65
CA GLY A 134 17.25 32.33 -10.64
C GLY A 134 17.57 30.87 -10.40
N ASP A 135 17.08 30.32 -9.29
CA ASP A 135 17.31 28.94 -8.91
C ASP A 135 16.90 27.94 -9.99
N PRO A 136 17.83 27.06 -10.40
CA PRO A 136 17.59 26.01 -11.40
C PRO A 136 16.32 25.17 -11.14
N ASN A 137 16.06 24.86 -9.86
CA ASN A 137 14.90 24.04 -9.50
C ASN A 137 13.64 24.87 -9.42
N TYR A 138 12.61 24.46 -10.17
CA TYR A 138 11.34 25.20 -10.23
C TYR A 138 10.59 25.25 -8.89
N LEU A 139 10.81 24.26 -8.04
CA LEU A 139 10.18 24.26 -6.72
C LEU A 139 10.67 25.44 -5.90
N HIS A 140 11.89 25.89 -6.18
CA HIS A 140 12.47 27.04 -5.49
C HIS A 140 12.06 28.35 -6.13
N ARG A 141 12.11 28.40 -7.45
CA ARG A 141 11.67 29.54 -8.25
C ARG A 141 10.26 29.98 -7.83
N MET A 142 9.39 29.00 -7.54
CA MET A 142 8.03 29.28 -7.07
C MET A 142 7.96 29.79 -5.63
N THR A 143 8.90 29.35 -4.78
CA THR A 143 9.02 29.83 -3.41
C THR A 143 9.22 31.35 -3.40
N THR A 144 9.99 31.85 -4.37
CA THR A 144 10.16 33.29 -4.55
C THR A 144 8.81 33.97 -4.72
N LEU A 145 7.95 33.38 -5.54
CA LEU A 145 6.65 33.96 -5.85
C LEU A 145 5.69 33.86 -4.69
N PHE A 146 5.89 32.86 -3.83
CA PHE A 146 5.07 32.69 -2.65
C PHE A 146 5.46 33.70 -1.57
N CYS A 147 6.74 34.06 -1.55
CA CYS A 147 7.26 35.05 -0.62
C CYS A 147 6.80 36.45 -0.98
N ILE A 148 6.87 36.76 -2.28
CA ILE A 148 6.38 38.03 -2.81
C ILE A 148 4.87 38.16 -2.56
N ASN A 149 4.13 37.06 -2.72
CA ASN A 149 2.72 37.01 -2.32
C ASN A 149 2.49 37.42 -0.86
N VAL A 150 3.32 36.87 0.04
CA VAL A 150 3.23 37.14 1.47
C VAL A 150 3.77 38.54 1.82
N LEU A 151 4.88 38.92 1.20
CA LEU A 151 5.55 40.18 1.56
C LEU A 151 4.80 41.43 1.09
N SER A 152 4.17 41.34 -0.07
CA SER A 152 3.33 42.41 -0.61
C SER A 152 2.27 42.90 0.38
N GLU A 153 1.88 42.02 1.31
CA GLU A 153 0.82 42.33 2.27
C GLU A 153 1.28 43.31 3.33
N VAL A 154 2.56 43.26 3.70
CA VAL A 154 3.06 44.06 4.80
C VAL A 154 4.18 45.01 4.41
N CYS A 155 4.47 45.11 3.12
CA CYS A 155 5.50 46.04 2.64
C CYS A 155 4.95 47.35 2.11
N GLY A 156 3.69 47.36 1.69
CA GLY A 156 3.04 48.56 1.18
C GLY A 156 3.28 48.78 -0.31
N GLN A 157 2.72 49.88 -0.83
CA GLN A 157 2.74 50.18 -2.26
C GLN A 157 4.15 50.41 -2.83
N ASP A 158 4.89 51.35 -2.24
CA ASP A 158 6.18 51.81 -2.76
C ASP A 158 7.24 50.70 -2.84
N ILE A 159 7.43 49.95 -1.76
CA ILE A 159 8.48 48.93 -1.67
C ILE A 159 8.22 47.72 -2.58
N THR A 160 6.96 47.30 -2.65
CA THR A 160 6.53 46.21 -3.52
C THR A 160 6.77 46.52 -5.00
N THR A 161 6.33 47.71 -5.41
CA THR A 161 6.52 48.18 -6.78
C THR A 161 8.00 48.21 -7.13
N LYS A 162 8.78 48.97 -6.35
CA LYS A 162 10.22 49.12 -6.57
C LYS A 162 10.99 47.80 -6.68
N HIS A 163 11.01 47.04 -5.58
CA HIS A 163 12.00 45.98 -5.41
C HIS A 163 11.47 44.56 -5.58
N MET A 164 10.16 44.42 -5.79
CA MET A 164 9.57 43.10 -5.94
C MET A 164 8.92 42.88 -7.30
N LEU A 165 8.07 43.81 -7.73
CA LEU A 165 7.33 43.67 -8.99
C LEU A 165 8.19 43.31 -10.22
N PRO A 166 9.34 44.01 -10.44
CA PRO A 166 10.15 43.69 -11.63
C PRO A 166 10.52 42.21 -11.71
N THR A 167 10.85 41.62 -10.57
CA THR A 167 11.22 40.20 -10.50
C THR A 167 10.05 39.30 -10.92
N VAL A 168 8.85 39.62 -10.46
CA VAL A 168 7.63 38.90 -10.86
C VAL A 168 7.39 38.99 -12.36
N LEU A 169 7.41 40.21 -12.90
CA LEU A 169 7.13 40.45 -14.31
C LEU A 169 8.18 39.84 -15.24
N ARG A 170 9.41 39.76 -14.75
CA ARG A 170 10.50 39.12 -15.48
C ARG A 170 10.36 37.59 -15.52
N MET A 171 9.60 37.03 -14.57
CA MET A 171 9.37 35.60 -14.51
C MET A 171 8.24 35.12 -15.41
N ALA A 172 7.56 36.05 -16.07
CA ALA A 172 6.52 35.73 -17.05
C ALA A 172 7.06 34.88 -18.22
N GLY A 173 8.37 34.97 -18.47
CA GLY A 173 9.02 34.16 -19.49
C GLY A 173 9.86 33.04 -18.91
N ASP A 174 9.29 32.30 -17.96
CA ASP A 174 9.96 31.13 -17.38
C ASP A 174 9.69 29.91 -18.25
N PRO A 175 10.73 29.07 -18.47
CA PRO A 175 10.54 27.91 -19.34
C PRO A 175 9.52 26.89 -18.79
N VAL A 176 9.25 26.95 -17.49
CA VAL A 176 8.36 26.00 -16.85
C VAL A 176 6.99 26.63 -16.60
N ALA A 177 5.96 25.95 -17.08
CA ALA A 177 4.58 26.44 -17.03
C ALA A 177 4.07 26.66 -15.61
N ASN A 178 4.53 25.83 -14.66
CA ASN A 178 4.13 25.97 -13.26
C ASN A 178 4.57 27.30 -12.66
N VAL A 179 5.72 27.80 -13.10
CA VAL A 179 6.18 29.11 -12.69
C VAL A 179 5.35 30.22 -13.37
N ARG A 180 5.07 30.06 -14.66
CA ARG A 180 4.30 31.05 -15.44
C ARG A 180 2.89 31.32 -14.90
N PHE A 181 2.18 30.28 -14.46
CA PHE A 181 0.83 30.51 -13.93
C PHE A 181 0.85 30.96 -12.47
N ASN A 182 1.96 30.74 -11.77
CA ASN A 182 2.12 31.36 -10.45
C ASN A 182 2.43 32.85 -10.57
N VAL A 183 2.95 33.26 -11.73
CA VAL A 183 3.14 34.68 -12.03
C VAL A 183 1.77 35.38 -12.13
N ALA A 184 0.88 34.79 -12.93
CA ALA A 184 -0.49 35.29 -13.06
C ALA A 184 -1.27 35.25 -11.74
N LYS A 185 -0.99 34.23 -10.92
CA LYS A 185 -1.60 34.14 -9.59
C LYS A 185 -1.05 35.19 -8.62
N SER A 186 0.23 35.52 -8.77
CA SER A 186 0.87 36.56 -7.96
C SER A 186 0.29 37.95 -8.22
N LEU A 187 0.26 38.36 -9.48
CA LEU A 187 -0.25 39.67 -9.88
C LEU A 187 -1.69 39.87 -9.43
N GLN A 188 -2.50 38.82 -9.51
CA GLN A 188 -3.85 38.83 -8.94
C GLN A 188 -3.84 39.18 -7.44
N LYS A 189 -2.87 38.61 -6.73
CA LYS A 189 -2.76 38.78 -5.28
C LYS A 189 -2.21 40.16 -4.92
N ILE A 190 -1.16 40.58 -5.64
CA ILE A 190 -0.43 41.81 -5.30
C ILE A 190 -1.01 43.07 -5.97
N GLY A 191 -1.72 42.88 -7.09
CA GLY A 191 -2.34 43.97 -7.86
C GLY A 191 -3.01 45.09 -7.07
N PRO A 192 -3.91 44.74 -6.12
CA PRO A 192 -4.55 45.71 -5.20
C PRO A 192 -3.60 46.63 -4.45
N ILE A 193 -2.36 46.20 -4.26
CA ILE A 193 -1.36 46.95 -3.50
C ILE A 193 -0.50 47.81 -4.45
N LEU A 194 -1.06 48.09 -5.62
CA LEU A 194 -0.38 48.88 -6.65
C LEU A 194 -1.28 49.99 -7.16
N ASP A 195 -0.73 51.19 -7.31
CA ASP A 195 -1.45 52.32 -7.91
C ASP A 195 -1.91 51.95 -9.31
N ASN A 196 -2.94 52.62 -9.80
CA ASN A 196 -3.54 52.25 -11.07
C ASN A 196 -2.61 52.47 -12.28
N SER A 197 -1.62 53.35 -12.13
CA SER A 197 -0.63 53.61 -13.19
C SER A 197 0.28 52.42 -13.45
N THR A 198 0.60 51.70 -12.39
CA THR A 198 1.47 50.52 -12.46
C THR A 198 0.74 49.32 -13.07
N LEU A 199 -0.55 49.20 -12.74
CA LEU A 199 -1.37 48.08 -13.22
C LEU A 199 -1.65 48.09 -14.72
N GLN A 200 -1.59 49.28 -15.32
CA GLN A 200 -2.05 49.47 -16.70
C GLN A 200 -0.94 49.43 -17.76
N SER A 201 0.21 50.03 -17.45
CA SER A 201 1.30 50.14 -18.41
C SER A 201 2.40 49.12 -18.15
N GLU A 202 2.48 48.64 -16.91
CA GLU A 202 3.53 47.73 -16.47
C GLU A 202 3.02 46.30 -16.31
N VAL A 203 1.87 46.15 -15.68
CA VAL A 203 1.30 44.83 -15.38
C VAL A 203 0.44 44.29 -16.53
N LYS A 204 -0.64 45.00 -16.86
CA LYS A 204 -1.63 44.53 -17.84
C LYS A 204 -1.03 43.93 -19.13
N PRO A 205 -0.10 44.63 -19.80
CA PRO A 205 0.50 44.06 -21.00
C PRO A 205 1.07 42.65 -20.81
N ILE A 206 1.67 42.41 -19.65
CA ILE A 206 2.25 41.10 -19.33
C ILE A 206 1.17 40.02 -19.19
N LEU A 207 0.09 40.33 -18.48
CA LEU A 207 -1.05 39.43 -18.34
C LEU A 207 -1.73 39.15 -19.69
N GLU A 208 -1.75 40.14 -20.56
CA GLU A 208 -2.25 40.00 -21.92
C GLU A 208 -1.43 38.98 -22.70
N LYS A 209 -0.10 39.03 -22.56
CA LYS A 209 0.79 38.06 -23.19
C LYS A 209 0.52 36.64 -22.69
N LEU A 210 0.37 36.50 -21.37
CA LEU A 210 0.15 35.19 -20.74
C LEU A 210 -1.11 34.47 -21.21
N THR A 211 -2.19 35.20 -21.47
CA THR A 211 -3.42 34.58 -22.01
C THR A 211 -3.16 33.89 -23.36
N GLN A 212 -2.12 34.33 -24.05
CA GLN A 212 -1.74 33.71 -25.32
C GLN A 212 -0.66 32.63 -25.15
N ASP A 213 -0.47 32.16 -23.91
CA ASP A 213 0.48 31.08 -23.60
C ASP A 213 0.10 29.76 -24.26
N GLN A 214 1.08 28.88 -24.45
CA GLN A 214 0.85 27.57 -25.05
C GLN A 214 0.12 26.61 -24.11
N ASP A 215 0.27 26.83 -22.80
CA ASP A 215 -0.27 25.97 -21.73
C ASP A 215 -1.70 26.32 -21.31
N VAL A 216 -2.51 25.27 -21.08
CA VAL A 216 -3.90 25.40 -20.63
C VAL A 216 -4.03 26.23 -19.35
N ASP A 217 -3.20 25.89 -18.37
CA ASP A 217 -3.28 26.51 -17.05
C ASP A 217 -2.85 27.96 -17.04
N VAL A 218 -1.69 28.25 -17.61
CA VAL A 218 -1.19 29.63 -17.69
C VAL A 218 -2.24 30.58 -18.30
N LYS A 219 -2.87 30.17 -19.40
CA LYS A 219 -4.00 30.91 -19.99
C LYS A 219 -5.05 31.20 -18.93
N TYR A 220 -5.62 30.13 -18.36
CA TYR A 220 -6.75 30.26 -17.45
C TYR A 220 -6.50 31.27 -16.34
N PHE A 221 -5.37 31.14 -15.66
CA PHE A 221 -5.04 31.99 -14.52
C PHE A 221 -4.65 33.42 -14.90
N ALA A 222 -4.22 33.62 -16.14
CA ALA A 222 -3.94 34.96 -16.68
C ALA A 222 -5.25 35.70 -16.92
N GLN A 223 -6.24 34.98 -17.45
CA GLN A 223 -7.60 35.47 -17.61
C GLN A 223 -8.21 35.84 -16.27
N GLU A 224 -8.29 34.88 -15.36
CA GLU A 224 -8.92 35.11 -14.06
C GLU A 224 -8.31 36.30 -13.32
N ALA A 225 -6.99 36.47 -13.41
CA ALA A 225 -6.31 37.64 -12.84
C ALA A 225 -6.82 38.95 -13.41
N LEU A 226 -6.95 39.02 -14.74
CA LEU A 226 -7.48 40.20 -15.42
C LEU A 226 -8.91 40.53 -14.98
N THR A 227 -9.72 39.47 -14.82
CA THR A 227 -11.08 39.61 -14.31
C THR A 227 -11.08 40.17 -12.87
N VAL A 228 -10.39 39.49 -11.96
CA VAL A 228 -10.32 39.88 -10.54
C VAL A 228 -9.74 41.30 -10.33
N LEU A 229 -8.93 41.76 -11.29
CA LEU A 229 -8.32 43.09 -11.22
C LEU A 229 -9.11 44.16 -12.00
N SER A 230 -10.35 43.82 -12.37
CA SER A 230 -11.25 44.71 -13.14
C SER A 230 -10.71 45.14 -14.50
N LEU A 231 -9.58 44.56 -14.89
CA LEU A 231 -8.92 44.90 -16.15
C LEU A 231 -9.65 44.29 -17.35
N ALA A 232 -9.89 42.99 -17.27
CA ALA A 232 -10.65 42.23 -18.29
C ALA A 232 -10.24 42.54 -19.74
N PHE B 7 -17.99 24.83 -14.74
CA PHE B 7 -17.53 23.44 -14.44
C PHE B 7 -16.14 23.43 -13.81
N THR B 8 -15.29 24.36 -14.25
CA THR B 8 -13.96 24.54 -13.66
C THR B 8 -14.07 24.85 -12.16
N LYS B 9 -15.06 25.66 -11.81
CA LYS B 9 -15.23 26.09 -10.42
C LYS B 9 -16.00 25.08 -9.57
N GLU B 10 -16.80 24.23 -10.23
CA GLU B 10 -17.40 23.09 -9.56
C GLU B 10 -16.32 22.10 -9.16
N LEU B 11 -15.33 21.93 -10.03
CA LEU B 11 -14.16 21.09 -9.78
C LEU B 11 -13.35 21.59 -8.59
N ASP B 12 -13.13 22.91 -8.54
CA ASP B 12 -12.43 23.54 -7.42
C ASP B 12 -13.17 23.31 -6.11
N GLN B 13 -14.49 23.38 -6.17
CA GLN B 13 -15.35 23.09 -5.03
C GLN B 13 -15.17 21.63 -4.57
N TRP B 14 -15.20 20.70 -5.53
CA TRP B 14 -15.01 19.28 -5.22
C TRP B 14 -13.64 19.02 -4.60
N ILE B 15 -12.60 19.65 -5.14
CA ILE B 15 -11.23 19.49 -4.63
C ILE B 15 -11.14 20.00 -3.17
N GLU B 16 -11.54 21.25 -2.96
CA GLU B 16 -11.63 21.82 -1.62
C GLU B 16 -12.30 20.85 -0.64
N GLN B 17 -13.35 20.17 -1.09
CA GLN B 17 -14.14 19.27 -0.26
C GLN B 17 -13.39 17.98 0.05
N LEU B 18 -12.83 17.37 -0.99
CA LEU B 18 -12.07 16.14 -0.84
C LEU B 18 -10.84 16.36 0.04
N ASN B 19 -10.30 17.57 0.02
CA ASN B 19 -9.19 17.96 0.91
C ASN B 19 -9.56 17.88 2.39
N GLU B 20 -10.86 17.85 2.66
CA GLU B 20 -11.37 17.77 4.01
C GLU B 20 -11.87 16.35 4.28
N CYS B 21 -11.41 15.40 3.47
CA CYS B 21 -11.89 14.01 3.50
C CYS B 21 -13.40 13.85 3.51
N LYS B 22 -14.08 14.52 2.59
CA LYS B 22 -15.53 14.43 2.46
C LYS B 22 -15.91 14.01 1.05
N GLN B 23 -16.44 12.79 0.93
CA GLN B 23 -16.77 12.18 -0.36
C GLN B 23 -17.70 13.06 -1.21
N LEU B 24 -17.57 12.91 -2.52
CA LEU B 24 -18.54 13.47 -3.46
C LEU B 24 -19.76 12.58 -3.56
N SER B 25 -20.88 13.15 -4.00
CA SER B 25 -22.11 12.38 -4.20
C SER B 25 -21.94 11.40 -5.34
N GLU B 26 -22.76 10.34 -5.34
CA GLU B 26 -22.75 9.36 -6.42
C GLU B 26 -22.88 10.04 -7.78
N SER B 27 -23.77 11.03 -7.85
CA SER B 27 -24.02 11.78 -9.08
C SER B 27 -22.76 12.47 -9.57
N GLN B 28 -21.99 13.03 -8.65
CA GLN B 28 -20.79 13.80 -8.98
C GLN B 28 -19.65 12.92 -9.43
N VAL B 29 -19.54 11.75 -8.80
CA VAL B 29 -18.52 10.77 -9.17
C VAL B 29 -18.73 10.35 -10.63
N LYS B 30 -19.99 10.14 -10.99
CA LYS B 30 -20.39 9.75 -12.33
C LYS B 30 -19.89 10.73 -13.40
N SER B 31 -20.06 12.03 -13.15
CA SER B 31 -19.64 13.07 -14.10
C SER B 31 -18.12 13.14 -14.17
N LEU B 32 -17.48 13.09 -13.01
CA LEU B 32 -16.03 13.12 -12.93
C LEU B 32 -15.44 12.03 -13.82
N CYS B 33 -15.93 10.82 -13.64
CA CYS B 33 -15.47 9.65 -14.38
C CYS B 33 -15.77 9.74 -15.88
N GLU B 34 -16.86 10.40 -16.23
CA GLU B 34 -17.21 10.57 -17.64
C GLU B 34 -16.16 11.41 -18.35
N LYS B 35 -15.76 12.50 -17.71
CA LYS B 35 -14.80 13.42 -18.32
C LYS B 35 -13.38 12.88 -18.24
N ALA B 36 -13.10 12.10 -17.20
CA ALA B 36 -11.79 11.46 -17.03
C ALA B 36 -11.53 10.45 -18.14
N LYS B 37 -12.54 9.65 -18.47
CA LYS B 37 -12.48 8.73 -19.61
C LYS B 37 -12.09 9.48 -20.88
N GLU B 38 -12.76 10.62 -21.09
CA GLU B 38 -12.59 11.45 -22.28
C GLU B 38 -11.18 12.00 -22.42
N ILE B 39 -10.59 12.40 -21.30
CA ILE B 39 -9.21 12.90 -21.27
C ILE B 39 -8.21 11.76 -21.53
N LEU B 40 -8.36 10.69 -20.75
CA LEU B 40 -7.45 9.55 -20.79
C LEU B 40 -7.47 8.77 -22.11
N THR B 41 -8.56 8.89 -22.86
CA THR B 41 -8.66 8.34 -24.22
C THR B 41 -7.57 8.89 -25.13
N LYS B 42 -7.28 10.18 -24.98
CA LYS B 42 -6.26 10.87 -25.76
C LYS B 42 -4.86 10.49 -25.30
N GLU B 43 -4.75 9.80 -24.17
CA GLU B 43 -3.44 9.43 -23.66
C GLU B 43 -2.95 8.09 -24.23
N SER B 44 -1.62 7.94 -24.27
CA SER B 44 -0.97 6.78 -24.87
C SER B 44 -0.65 5.70 -23.81
N ASN B 45 -0.47 4.46 -24.27
CA ASN B 45 0.04 3.36 -23.44
C ASN B 45 1.41 3.68 -22.85
N VAL B 46 2.23 4.40 -23.63
CA VAL B 46 3.47 5.00 -23.11
C VAL B 46 3.27 6.52 -23.11
N GLN B 47 2.68 7.04 -22.04
CA GLN B 47 2.38 8.46 -21.95
C GLN B 47 3.65 9.31 -21.80
N GLU B 48 3.82 10.21 -22.76
CA GLU B 48 4.94 11.14 -22.75
C GLU B 48 4.73 12.15 -21.62
N VAL B 49 5.73 12.24 -20.74
CA VAL B 49 5.71 13.23 -19.65
C VAL B 49 6.99 14.04 -19.74
N ARG B 50 6.89 15.35 -19.54
CA ARG B 50 8.06 16.21 -19.50
C ARG B 50 8.36 16.68 -18.07
N CYS B 51 9.63 16.62 -17.70
CA CYS B 51 10.08 17.09 -16.40
C CYS B 51 10.02 18.61 -16.34
N PRO B 52 10.03 19.18 -15.12
CA PRO B 52 10.12 18.56 -13.80
C PRO B 52 8.82 17.89 -13.36
N VAL B 53 8.94 16.68 -12.84
CA VAL B 53 7.82 15.92 -12.29
C VAL B 53 8.28 15.28 -11.00
N THR B 54 7.32 14.94 -10.14
CA THR B 54 7.62 14.14 -8.98
C THR B 54 6.98 12.76 -9.16
N VAL B 55 7.82 11.73 -9.24
CA VAL B 55 7.32 10.36 -9.39
C VAL B 55 6.90 9.80 -8.04
N CYS B 56 5.70 9.21 -8.02
CA CYS B 56 5.10 8.64 -6.82
C CYS B 56 4.70 7.18 -7.01
N GLY B 57 4.96 6.37 -5.99
CA GLY B 57 4.62 4.96 -6.02
C GLY B 57 3.30 4.70 -5.36
N ASP B 58 3.11 3.44 -4.93
CA ASP B 58 1.85 2.97 -4.35
C ASP B 58 1.33 3.89 -3.25
N VAL B 59 0.03 4.17 -3.29
CA VAL B 59 -0.59 5.05 -2.32
C VAL B 59 -1.62 4.30 -1.46
N HIS B 60 -2.27 3.31 -2.08
CA HIS B 60 -3.11 2.30 -1.42
C HIS B 60 -4.28 2.84 -0.60
N GLY B 61 -4.96 3.85 -1.12
CA GLY B 61 -6.15 4.37 -0.46
C GLY B 61 -5.93 4.99 0.92
N GLN B 62 -4.68 5.25 1.26
CA GLN B 62 -4.33 5.85 2.55
C GLN B 62 -4.40 7.36 2.46
N PHE B 63 -5.64 7.86 2.39
CA PHE B 63 -5.95 9.28 2.16
C PHE B 63 -5.07 10.27 2.93
N HIS B 64 -4.97 10.06 4.24
CA HIS B 64 -4.21 10.96 5.10
C HIS B 64 -2.71 10.98 4.80
N ASP B 65 -2.14 9.83 4.45
CA ASP B 65 -0.73 9.78 4.07
C ASP B 65 -0.48 10.43 2.70
N LEU B 66 -1.52 10.48 1.87
CA LEU B 66 -1.45 11.18 0.60
C LEU B 66 -1.42 12.68 0.87
N MET B 67 -2.20 13.12 1.87
CA MET B 67 -2.14 14.50 2.31
C MET B 67 -0.74 14.81 2.81
N GLU B 68 -0.16 13.85 3.54
CA GLU B 68 1.21 13.97 3.99
C GLU B 68 2.16 14.08 2.80
N LEU B 69 1.94 13.24 1.77
CA LEU B 69 2.72 13.28 0.55
C LEU B 69 2.76 14.71 -0.01
N PHE B 70 1.61 15.36 -0.02
CA PHE B 70 1.49 16.71 -0.58
C PHE B 70 2.18 17.74 0.28
N ARG B 71 2.22 17.52 1.58
CA ARG B 71 2.95 18.39 2.48
C ARG B 71 4.46 18.28 2.25
N ILE B 72 4.91 17.13 1.75
CA ILE B 72 6.31 16.90 1.41
C ILE B 72 6.64 17.48 0.04
N GLY B 73 6.06 16.90 -1.01
CA GLY B 73 6.32 17.35 -2.38
C GLY B 73 5.74 18.70 -2.80
N GLY B 74 4.67 19.14 -2.13
CA GLY B 74 3.99 20.37 -2.53
C GLY B 74 2.60 20.12 -3.10
N LYS B 75 1.78 21.19 -3.11
CA LYS B 75 0.40 21.15 -3.64
C LYS B 75 0.32 21.05 -5.15
N SER B 76 -0.70 20.34 -5.62
CA SER B 76 -1.09 20.34 -7.01
C SER B 76 -2.00 21.56 -7.22
N PRO B 77 -1.87 22.26 -8.37
CA PRO B 77 -1.07 22.00 -9.57
C PRO B 77 0.34 22.63 -9.59
N ASP B 78 0.73 23.29 -8.50
CA ASP B 78 2.06 23.92 -8.41
C ASP B 78 3.17 22.90 -8.71
N THR B 79 3.16 21.81 -7.96
CA THR B 79 4.07 20.69 -8.21
C THR B 79 3.44 19.73 -9.22
N ASN B 80 4.21 19.32 -10.21
CA ASN B 80 3.75 18.29 -11.13
C ASN B 80 4.00 16.92 -10.53
N TYR B 81 3.00 16.05 -10.61
CA TYR B 81 3.14 14.70 -10.10
C TYR B 81 2.89 13.64 -11.17
N LEU B 82 3.55 12.51 -11.00
CA LEU B 82 3.31 11.33 -11.81
C LEU B 82 3.10 10.18 -10.83
N PHE B 83 1.89 9.63 -10.84
CA PHE B 83 1.53 8.54 -9.96
C PHE B 83 1.59 7.20 -10.70
N MET B 84 2.15 6.20 -10.05
CA MET B 84 2.37 4.91 -10.71
C MET B 84 1.35 3.84 -10.32
N GLY B 85 0.15 4.25 -9.89
CA GLY B 85 -0.92 3.30 -9.60
C GLY B 85 -1.12 2.92 -8.14
N ASP B 86 -2.06 1.99 -7.92
CA ASP B 86 -2.47 1.51 -6.60
C ASP B 86 -2.94 2.65 -5.70
N TYR B 87 -4.05 3.25 -6.14
CA TYR B 87 -4.71 4.38 -5.51
C TYR B 87 -5.71 3.88 -4.51
N VAL B 88 -6.08 2.62 -4.68
CA VAL B 88 -7.08 1.98 -3.83
C VAL B 88 -6.47 0.72 -3.21
N ASP B 89 -6.93 0.39 -2.00
CA ASP B 89 -6.56 -0.85 -1.32
C ASP B 89 -7.69 -1.22 -0.36
N ARG B 90 -7.43 -1.17 0.94
CA ARG B 90 -8.45 -1.54 1.93
C ARG B 90 -9.62 -0.52 1.95
N GLY B 91 -10.74 -0.92 2.54
CA GLY B 91 -11.96 -0.11 2.50
C GLY B 91 -12.14 0.94 3.59
N TYR B 92 -11.09 1.70 3.91
CA TYR B 92 -11.21 2.76 4.92
C TYR B 92 -11.46 4.15 4.30
N TYR B 93 -10.49 4.64 3.54
CA TYR B 93 -10.55 5.96 2.89
C TYR B 93 -10.16 5.90 1.41
N SER B 94 -10.30 4.72 0.81
CA SER B 94 -9.91 4.51 -0.59
C SER B 94 -10.70 5.37 -1.57
N VAL B 95 -11.98 5.61 -1.27
CA VAL B 95 -12.85 6.41 -2.12
C VAL B 95 -12.31 7.84 -2.26
N GLU B 96 -12.07 8.49 -1.13
CA GLU B 96 -11.58 9.87 -1.10
C GLU B 96 -10.24 9.99 -1.83
N THR B 97 -9.38 9.01 -1.60
CA THR B 97 -8.04 8.97 -2.19
C THR B 97 -8.10 8.96 -3.72
N VAL B 98 -8.89 8.03 -4.26
CA VAL B 98 -8.98 7.91 -5.70
C VAL B 98 -9.76 9.09 -6.27
N THR B 99 -10.89 9.41 -5.66
CA THR B 99 -11.73 10.50 -6.13
C THR B 99 -10.96 11.82 -6.22
N LEU B 100 -10.09 12.07 -5.24
CA LEU B 100 -9.25 13.26 -5.25
C LEU B 100 -8.27 13.28 -6.42
N LEU B 101 -7.52 12.19 -6.59
CA LEU B 101 -6.53 12.11 -7.65
C LEU B 101 -7.15 12.22 -9.05
N VAL B 102 -8.34 11.64 -9.21
CA VAL B 102 -9.06 11.74 -10.47
C VAL B 102 -9.52 13.19 -10.69
N ALA B 103 -10.02 13.81 -9.62
CA ALA B 103 -10.51 15.19 -9.68
C ALA B 103 -9.39 16.12 -10.06
N LEU B 104 -8.18 15.84 -9.56
CA LEU B 104 -7.01 16.63 -9.90
C LEU B 104 -6.66 16.50 -11.38
N LYS B 105 -6.74 15.27 -11.89
CA LYS B 105 -6.46 14.98 -13.30
C LYS B 105 -7.44 15.68 -14.24
N VAL B 106 -8.72 15.60 -13.91
CA VAL B 106 -9.78 16.27 -14.68
C VAL B 106 -9.60 17.79 -14.65
N ARG B 107 -9.27 18.33 -13.49
CA ARG B 107 -9.01 19.76 -13.34
C ARG B 107 -7.70 20.18 -14.03
N TYR B 108 -6.69 19.31 -13.98
CA TYR B 108 -5.36 19.65 -14.47
C TYR B 108 -4.69 18.53 -15.28
N ARG B 109 -5.05 18.42 -16.56
CA ARG B 109 -4.57 17.36 -17.47
C ARG B 109 -3.05 17.31 -17.58
N GLU B 110 -2.44 18.48 -17.74
CA GLU B 110 -1.02 18.59 -17.98
C GLU B 110 -0.22 18.57 -16.69
N ARG B 111 -0.91 18.66 -15.56
CA ARG B 111 -0.24 18.81 -14.25
C ARG B 111 -0.02 17.48 -13.50
N ILE B 112 -0.84 16.47 -13.78
CA ILE B 112 -0.57 15.13 -13.25
C ILE B 112 -0.78 14.00 -14.25
N THR B 113 -0.07 12.91 -13.99
CA THR B 113 -0.24 11.68 -14.74
C THR B 113 -0.52 10.55 -13.75
N ILE B 114 -1.62 9.84 -13.98
CA ILE B 114 -1.99 8.70 -13.15
C ILE B 114 -2.01 7.41 -13.94
N LEU B 115 -1.03 6.54 -13.71
CA LEU B 115 -0.94 5.26 -14.39
C LEU B 115 -1.87 4.22 -13.76
N ARG B 116 -1.99 3.06 -14.39
CA ARG B 116 -2.75 1.98 -13.82
C ARG B 116 -1.87 1.05 -12.99
N GLY B 117 -2.37 0.62 -11.84
CA GLY B 117 -1.72 -0.39 -11.03
C GLY B 117 -2.52 -1.67 -11.04
N ASN B 118 -1.95 -2.74 -10.51
CA ASN B 118 -2.64 -4.02 -10.37
C ASN B 118 -3.90 -3.92 -9.50
N HIS B 119 -4.00 -2.88 -8.67
CA HIS B 119 -5.16 -2.66 -7.81
C HIS B 119 -6.33 -2.02 -8.53
N GLU B 120 -6.04 -1.28 -9.59
CA GLU B 120 -7.09 -0.63 -10.37
C GLU B 120 -7.75 -1.63 -11.33
N SER B 121 -8.40 -2.63 -10.73
CA SER B 121 -9.06 -3.72 -11.45
C SER B 121 -10.31 -4.17 -10.72
N ARG B 122 -11.28 -4.67 -11.49
CA ARG B 122 -12.49 -5.25 -10.93
C ARG B 122 -12.14 -6.41 -10.00
N GLN B 123 -11.10 -7.17 -10.37
CA GLN B 123 -10.70 -8.37 -9.63
C GLN B 123 -10.32 -8.06 -8.18
N ILE B 124 -9.26 -7.28 -8.00
CA ILE B 124 -8.75 -6.97 -6.66
C ILE B 124 -9.68 -6.07 -5.82
N THR B 125 -10.23 -5.03 -6.45
CA THR B 125 -11.16 -4.12 -5.75
C THR B 125 -12.38 -4.78 -5.13
N GLN B 126 -12.90 -5.82 -5.79
CA GLN B 126 -14.08 -6.53 -5.27
C GLN B 126 -13.75 -7.24 -3.97
N VAL B 127 -12.51 -7.67 -3.87
CA VAL B 127 -12.06 -8.61 -2.86
C VAL B 127 -11.24 -7.98 -1.71
N TYR B 128 -10.55 -6.86 -1.97
CA TYR B 128 -9.67 -6.23 -0.98
C TYR B 128 -10.34 -5.22 -0.06
N GLY B 129 -11.35 -4.50 -0.57
CA GLY B 129 -12.09 -3.57 0.26
C GLY B 129 -12.85 -2.46 -0.45
N PHE B 130 -12.32 -2.01 -1.59
CA PHE B 130 -12.85 -0.83 -2.28
C PHE B 130 -14.34 -0.93 -2.61
N TYR B 131 -14.77 -2.12 -3.03
CA TYR B 131 -16.16 -2.38 -3.35
C TYR B 131 -17.05 -2.27 -2.11
N ASP B 132 -16.55 -2.78 -0.97
CA ASP B 132 -17.26 -2.66 0.31
C ASP B 132 -17.41 -1.21 0.77
N GLU B 133 -16.35 -0.42 0.59
CA GLU B 133 -16.36 0.98 0.96
C GLU B 133 -17.43 1.75 0.19
N CYS B 134 -17.43 1.57 -1.14
CA CYS B 134 -18.44 2.13 -2.03
C CYS B 134 -19.87 1.78 -1.58
N LEU B 135 -20.02 0.58 -1.00
CA LEU B 135 -21.31 0.08 -0.55
C LEU B 135 -21.76 0.80 0.70
N ARG B 136 -20.84 0.94 1.65
CA ARG B 136 -21.10 1.55 2.94
C ARG B 136 -21.24 3.08 2.84
N LYS B 137 -20.61 3.66 1.83
CA LYS B 137 -20.59 5.12 1.69
C LYS B 137 -21.63 5.66 0.69
N TYR B 138 -22.19 4.79 -0.14
CA TYR B 138 -23.17 5.21 -1.14
C TYR B 138 -24.49 4.44 -1.08
N GLY B 139 -24.46 3.25 -0.50
CA GLY B 139 -25.66 2.41 -0.39
C GLY B 139 -25.77 1.42 -1.53
N ASN B 140 -25.44 1.88 -2.74
CA ASN B 140 -25.32 1.02 -3.90
C ASN B 140 -23.84 0.75 -4.17
N ALA B 141 -23.52 0.35 -5.40
CA ALA B 141 -22.14 0.07 -5.78
C ALA B 141 -21.84 0.60 -7.17
N ASN B 142 -22.73 1.48 -7.67
CA ASN B 142 -22.51 2.19 -8.94
C ASN B 142 -21.15 2.89 -8.99
N VAL B 143 -20.72 3.40 -7.84
CA VAL B 143 -19.43 4.11 -7.72
C VAL B 143 -18.23 3.18 -7.93
N TRP B 144 -18.39 1.92 -7.52
CA TRP B 144 -17.41 0.90 -7.85
C TRP B 144 -17.37 0.67 -9.35
N LYS B 145 -18.53 0.73 -10.01
CA LYS B 145 -18.62 0.52 -11.45
C LYS B 145 -18.06 1.71 -12.25
N TYR B 146 -18.30 2.92 -11.76
CA TYR B 146 -17.80 4.13 -12.41
C TYR B 146 -16.27 4.26 -12.31
N PHE B 147 -15.69 3.74 -11.23
CA PHE B 147 -14.25 3.77 -11.09
C PHE B 147 -13.54 2.62 -11.80
N THR B 148 -14.15 1.44 -11.82
CA THR B 148 -13.52 0.29 -12.48
C THR B 148 -13.62 0.36 -14.00
N ASP B 149 -14.70 0.96 -14.49
CA ASP B 149 -14.82 1.28 -15.91
C ASP B 149 -13.77 2.31 -16.29
N LEU B 150 -13.45 3.19 -15.34
CA LEU B 150 -12.46 4.24 -15.57
C LEU B 150 -11.04 3.70 -15.57
N PHE B 151 -10.78 2.75 -14.66
CA PHE B 151 -9.45 2.19 -14.53
C PHE B 151 -8.97 1.60 -15.84
N ASP B 152 -9.91 1.10 -16.64
CA ASP B 152 -9.63 0.56 -17.99
C ASP B 152 -8.95 1.57 -18.92
N TYR B 153 -9.04 2.85 -18.57
CA TYR B 153 -8.56 3.96 -19.40
C TYR B 153 -7.22 4.52 -18.95
N LEU B 154 -6.83 4.22 -17.71
CA LEU B 154 -5.52 4.66 -17.20
C LEU B 154 -4.42 4.17 -18.13
N PRO B 155 -3.44 5.04 -18.43
CA PRO B 155 -2.32 4.58 -19.23
C PRO B 155 -1.54 3.57 -18.41
N LEU B 156 -0.82 2.69 -19.09
CA LEU B 156 -0.09 1.60 -18.43
C LEU B 156 1.30 2.04 -18.00
N THR B 157 1.99 2.73 -18.91
CA THR B 157 3.34 3.20 -18.66
C THR B 157 3.45 4.70 -18.98
N ALA B 158 4.60 5.29 -18.68
CA ALA B 158 4.88 6.69 -18.94
C ALA B 158 6.36 6.84 -19.17
N LEU B 159 6.74 7.86 -19.94
CA LEU B 159 8.12 8.10 -20.28
C LEU B 159 8.48 9.56 -20.02
N VAL B 160 9.40 9.76 -19.08
CA VAL B 160 9.81 11.11 -18.69
C VAL B 160 10.99 11.54 -19.55
N ASP B 161 10.75 12.58 -20.35
CA ASP B 161 11.73 13.13 -21.32
C ASP B 161 12.48 12.10 -22.17
N GLY B 162 11.77 11.07 -22.60
CA GLY B 162 12.36 10.00 -23.42
C GLY B 162 13.50 9.20 -22.80
N GLN B 163 13.64 9.25 -21.48
CA GLN B 163 14.80 8.67 -20.81
C GLN B 163 14.45 7.77 -19.63
N ILE B 164 13.52 8.24 -18.80
CA ILE B 164 13.13 7.51 -17.60
C ILE B 164 11.75 6.87 -17.78
N PHE B 165 11.72 5.55 -17.65
CA PHE B 165 10.55 4.75 -17.96
C PHE B 165 9.78 4.38 -16.70
N CYS B 166 8.48 4.65 -16.69
CA CYS B 166 7.67 4.51 -15.48
C CYS B 166 6.48 3.58 -15.64
N LEU B 167 6.26 2.75 -14.63
CA LEU B 167 5.18 1.77 -14.67
C LEU B 167 5.02 1.21 -13.28
N HIS B 168 3.89 0.56 -13.00
CA HIS B 168 3.68 0.00 -11.68
C HIS B 168 4.58 -1.20 -11.36
N GLY B 169 4.52 -2.24 -12.19
CA GLY B 169 5.20 -3.49 -11.89
C GLY B 169 6.61 -3.61 -12.46
N GLY B 170 6.67 -4.06 -13.72
CA GLY B 170 7.95 -4.28 -14.39
C GLY B 170 7.88 -4.90 -15.77
N LEU B 171 8.98 -5.52 -16.18
CA LEU B 171 9.20 -5.97 -17.54
C LEU B 171 8.48 -7.28 -17.89
N SER B 172 8.30 -7.51 -19.20
CA SER B 172 7.56 -8.66 -19.73
C SER B 172 8.37 -9.37 -20.79
N PRO B 173 8.29 -10.73 -20.83
CA PRO B 173 8.93 -11.50 -21.90
C PRO B 173 8.22 -11.32 -23.25
N SER B 174 7.11 -10.59 -23.25
CA SER B 174 6.33 -10.33 -24.45
C SER B 174 6.53 -8.90 -24.97
N ILE B 175 7.36 -8.13 -24.28
CA ILE B 175 7.64 -6.75 -24.66
C ILE B 175 9.14 -6.46 -24.66
N ASP B 176 9.66 -6.13 -25.84
CA ASP B 176 11.07 -5.78 -26.01
C ASP B 176 11.22 -4.26 -26.14
N THR B 177 10.30 -3.65 -26.88
CA THR B 177 10.36 -2.23 -27.20
C THR B 177 9.15 -1.46 -26.67
N LEU B 178 9.29 -0.14 -26.57
CA LEU B 178 8.18 0.75 -26.24
C LEU B 178 7.01 0.65 -27.22
N ASP B 179 7.33 0.47 -28.51
CA ASP B 179 6.32 0.24 -29.55
C ASP B 179 5.43 -0.97 -29.31
N HIS B 180 6.00 -2.02 -28.70
CA HIS B 180 5.21 -3.17 -28.26
C HIS B 180 4.16 -2.75 -27.24
N ILE B 181 4.53 -1.88 -26.31
CA ILE B 181 3.56 -1.38 -25.34
C ILE B 181 2.51 -0.52 -26.06
N ARG B 182 2.97 0.32 -26.99
CA ARG B 182 2.08 1.22 -27.71
C ARG B 182 1.03 0.44 -28.50
N ALA B 183 1.44 -0.70 -29.06
CA ALA B 183 0.57 -1.56 -29.86
C ALA B 183 -0.56 -2.24 -29.08
N LEU B 184 -0.41 -2.37 -27.77
CA LEU B 184 -1.40 -3.06 -26.91
C LEU B 184 -2.77 -2.39 -26.91
N ASP B 185 -3.82 -3.18 -26.69
CA ASP B 185 -5.13 -2.65 -26.33
C ASP B 185 -5.26 -2.69 -24.81
N ARG B 186 -5.13 -1.52 -24.19
CA ARG B 186 -5.19 -1.40 -22.73
C ARG B 186 -6.61 -1.19 -22.17
N LEU B 187 -7.58 -0.98 -23.05
CA LEU B 187 -8.94 -0.62 -22.63
C LEU B 187 -9.77 -1.84 -22.22
N GLN B 188 -9.40 -2.44 -21.09
CA GLN B 188 -10.04 -3.67 -20.59
C GLN B 188 -9.67 -3.94 -19.11
N GLU B 189 -10.34 -4.94 -18.54
CA GLU B 189 -9.94 -5.49 -17.26
C GLU B 189 -8.56 -6.15 -17.39
N VAL B 190 -7.69 -5.89 -16.41
CA VAL B 190 -6.34 -6.47 -16.39
C VAL B 190 -6.40 -7.99 -16.61
N PRO B 191 -5.78 -8.48 -17.69
CA PRO B 191 -5.73 -9.93 -17.92
C PRO B 191 -4.93 -10.67 -16.85
N HIS B 192 -5.15 -11.98 -16.76
CA HIS B 192 -4.40 -12.84 -15.86
C HIS B 192 -3.05 -13.22 -16.47
N GLU B 193 -3.00 -13.22 -17.79
CA GLU B 193 -1.82 -13.63 -18.56
C GLU B 193 -1.39 -12.53 -19.52
N GLY B 194 -0.14 -12.58 -19.95
CA GLY B 194 0.32 -11.76 -21.06
C GLY B 194 0.91 -10.41 -20.73
N PRO B 195 1.34 -9.68 -21.78
CA PRO B 195 2.07 -8.41 -21.72
C PRO B 195 1.51 -7.35 -20.76
N MET B 196 0.19 -7.14 -20.78
CA MET B 196 -0.42 -6.08 -19.99
C MET B 196 -0.34 -6.43 -18.51
N CYS B 197 -0.69 -7.67 -18.19
CA CYS B 197 -0.62 -8.17 -16.83
C CYS B 197 0.78 -7.97 -16.27
N ASP B 198 1.79 -8.35 -17.05
CA ASP B 198 3.19 -8.33 -16.61
C ASP B 198 3.63 -6.94 -16.16
N LEU B 199 3.26 -5.91 -16.93
CA LEU B 199 3.67 -4.53 -16.66
C LEU B 199 3.13 -4.06 -15.33
N LEU B 200 2.07 -4.70 -14.86
CA LEU B 200 1.41 -4.28 -13.64
C LEU B 200 1.75 -5.18 -12.46
N TRP B 201 2.32 -6.34 -12.76
CA TRP B 201 2.49 -7.41 -11.78
C TRP B 201 3.91 -7.93 -11.57
N SER B 202 4.78 -7.76 -12.56
CA SER B 202 6.17 -8.25 -12.50
C SER B 202 7.04 -7.62 -11.41
N ASP B 203 8.07 -8.34 -10.97
CA ASP B 203 9.01 -7.83 -9.97
C ASP B 203 10.47 -7.95 -10.42
N PRO B 204 11.31 -6.95 -10.07
CA PRO B 204 12.74 -7.10 -10.23
C PRO B 204 13.26 -8.12 -9.22
N ASP B 205 14.40 -8.73 -9.55
CA ASP B 205 14.77 -10.02 -9.01
C ASP B 205 16.29 -10.14 -9.04
N ASP B 206 16.83 -10.91 -8.11
CA ASP B 206 18.29 -11.06 -7.95
C ASP B 206 18.86 -12.30 -8.66
N ARG B 207 18.03 -13.04 -9.38
CA ARG B 207 18.51 -14.15 -10.20
C ARG B 207 18.26 -13.85 -11.66
N GLY B 208 19.32 -13.51 -12.40
CA GLY B 208 19.23 -13.17 -13.83
C GLY B 208 18.25 -14.00 -14.64
N GLY B 209 17.70 -13.41 -15.69
CA GLY B 209 16.73 -14.10 -16.53
C GLY B 209 15.31 -13.98 -16.01
N TRP B 210 14.42 -14.76 -16.61
CA TRP B 210 13.00 -14.75 -16.24
C TRP B 210 12.66 -15.85 -15.24
N GLY B 211 11.75 -15.54 -14.31
CA GLY B 211 11.25 -16.52 -13.35
C GLY B 211 9.75 -16.46 -13.17
N ILE B 212 9.14 -17.61 -12.92
CA ILE B 212 7.72 -17.70 -12.57
C ILE B 212 7.47 -16.89 -11.30
N SER B 213 6.51 -15.96 -11.37
CA SER B 213 6.25 -15.04 -10.26
C SER B 213 5.56 -15.71 -9.08
N PRO B 214 6.22 -15.74 -7.90
CA PRO B 214 5.57 -16.31 -6.72
C PRO B 214 4.32 -15.53 -6.29
N ARG B 215 4.10 -14.38 -6.90
CA ARG B 215 2.96 -13.51 -6.60
C ARG B 215 1.64 -14.06 -7.16
N GLY B 216 1.73 -14.94 -8.15
CA GLY B 216 0.56 -15.47 -8.85
C GLY B 216 0.46 -15.02 -10.30
N ALA B 217 0.90 -13.80 -10.59
CA ALA B 217 0.83 -13.22 -11.93
C ALA B 217 2.08 -12.42 -12.25
N GLY B 218 2.44 -12.36 -13.54
CA GLY B 218 3.61 -11.62 -13.98
C GLY B 218 4.87 -12.46 -13.90
N TYR B 219 6.02 -11.81 -13.87
CA TYR B 219 7.30 -12.50 -13.93
C TYR B 219 8.32 -11.81 -13.04
N THR B 220 9.18 -12.60 -12.41
CA THR B 220 10.37 -12.01 -11.84
C THR B 220 11.36 -11.85 -12.99
N PHE B 221 12.09 -10.74 -12.99
CA PHE B 221 13.09 -10.47 -14.02
C PHE B 221 14.39 -10.01 -13.41
N GLY B 222 15.50 -10.45 -14.00
CA GLY B 222 16.84 -10.17 -13.48
C GLY B 222 17.52 -8.96 -14.10
N GLN B 223 18.71 -8.65 -13.61
CA GLN B 223 19.48 -7.48 -14.04
C GLN B 223 19.81 -7.51 -15.52
N ASP B 224 20.19 -8.69 -16.01
CA ASP B 224 20.47 -8.94 -17.43
C ASP B 224 19.31 -8.49 -18.33
N ILE B 225 18.10 -8.59 -17.82
CA ILE B 225 16.93 -8.19 -18.58
C ILE B 225 16.75 -6.67 -18.55
N SER B 226 16.91 -6.09 -17.37
CA SER B 226 16.88 -4.63 -17.20
C SER B 226 17.85 -3.92 -18.14
N GLU B 227 19.09 -4.39 -18.17
CA GLU B 227 20.17 -3.79 -18.96
C GLU B 227 19.89 -3.91 -20.45
N THR B 228 19.41 -5.08 -20.85
CA THR B 228 19.02 -5.32 -22.22
C THR B 228 17.90 -4.37 -22.62
N PHE B 229 16.85 -4.31 -21.78
CA PHE B 229 15.67 -3.51 -22.07
C PHE B 229 16.00 -2.03 -22.19
N ASN B 230 16.69 -1.50 -21.19
CA ASN B 230 17.12 -0.10 -21.19
C ASN B 230 17.96 0.26 -22.40
N HIS B 231 18.97 -0.55 -22.69
CA HIS B 231 19.88 -0.23 -23.77
C HIS B 231 19.19 -0.19 -25.14
N ALA B 232 18.26 -1.10 -25.36
CA ALA B 232 17.55 -1.18 -26.64
C ALA B 232 16.55 -0.03 -26.85
N ASN B 233 15.98 0.48 -25.77
CA ASN B 233 15.01 1.57 -25.87
C ASN B 233 15.61 2.94 -25.58
N GLY B 234 16.94 2.99 -25.47
CA GLY B 234 17.66 4.23 -25.13
C GLY B 234 17.30 4.84 -23.77
N LEU B 235 16.93 3.99 -22.80
CA LEU B 235 16.47 4.43 -21.49
C LEU B 235 17.61 4.50 -20.48
N THR B 236 17.55 5.47 -19.57
CA THR B 236 18.54 5.55 -18.49
C THR B 236 18.05 4.92 -17.18
N LEU B 237 16.74 4.91 -16.96
CA LEU B 237 16.20 4.33 -15.74
C LEU B 237 14.80 3.73 -15.91
N VAL B 238 14.56 2.63 -15.21
CA VAL B 238 13.21 2.09 -15.06
C VAL B 238 12.78 2.37 -13.64
N SER B 239 11.70 3.14 -13.52
CA SER B 239 11.15 3.53 -12.25
C SER B 239 9.79 2.86 -12.10
N ARG B 240 9.59 2.19 -10.97
CA ARG B 240 8.43 1.37 -10.75
C ARG B 240 8.07 1.31 -9.25
N ALA B 241 6.92 0.72 -8.95
CA ALA B 241 6.37 0.68 -7.60
C ALA B 241 6.10 -0.77 -7.20
N HIS B 242 4.91 -1.06 -6.67
CA HIS B 242 4.43 -2.44 -6.57
C HIS B 242 4.99 -3.27 -5.40
N GLN B 243 6.24 -3.01 -5.01
CA GLN B 243 6.88 -3.73 -3.90
C GLN B 243 7.10 -2.85 -2.68
N LEU B 244 6.60 -3.32 -1.52
CA LEU B 244 6.83 -2.61 -0.27
C LEU B 244 8.32 -2.63 0.02
N VAL B 245 8.88 -1.46 0.25
CA VAL B 245 10.28 -1.31 0.60
C VAL B 245 10.38 -0.51 1.89
N MET B 246 11.13 -1.05 2.85
CA MET B 246 11.13 -0.53 4.22
C MET B 246 11.63 0.93 4.34
N GLU B 247 12.25 1.41 3.27
CA GLU B 247 12.90 2.73 3.24
C GLU B 247 12.11 3.72 2.41
N GLY B 248 11.03 3.27 1.78
CA GLY B 248 10.30 4.09 0.84
C GLY B 248 10.84 3.93 -0.57
N TYR B 249 12.15 3.84 -0.70
CA TYR B 249 12.76 3.61 -2.01
C TYR B 249 13.97 2.70 -1.97
N ASN B 250 14.26 2.12 -3.12
CA ASN B 250 15.28 1.13 -3.24
C ASN B 250 15.85 1.06 -4.64
N TRP B 251 17.18 1.02 -4.72
CA TRP B 251 17.87 0.77 -5.95
C TRP B 251 18.11 -0.74 -6.07
N CYS B 252 18.04 -1.24 -7.29
CA CYS B 252 18.44 -2.61 -7.55
C CYS B 252 18.93 -2.70 -9.00
N HIS B 253 19.41 -3.88 -9.39
CA HIS B 253 19.86 -4.11 -10.77
C HIS B 253 20.88 -3.06 -11.21
N ASP B 254 21.74 -2.67 -10.27
CA ASP B 254 22.81 -1.71 -10.51
C ASP B 254 22.27 -0.37 -11.01
N ARG B 255 21.23 0.10 -10.35
CA ARG B 255 20.62 1.40 -10.67
C ARG B 255 19.92 1.47 -12.06
N ASN B 256 19.56 0.32 -12.61
CA ASN B 256 18.74 0.28 -13.81
C ASN B 256 17.27 0.39 -13.42
N VAL B 257 16.99 -0.04 -12.19
CA VAL B 257 15.65 -0.04 -11.62
C VAL B 257 15.68 0.68 -10.27
N VAL B 258 14.63 1.46 -10.00
CA VAL B 258 14.37 1.93 -8.66
C VAL B 258 12.92 1.58 -8.30
N THR B 259 12.69 1.20 -7.04
CA THR B 259 11.34 0.93 -6.55
C THR B 259 10.95 2.05 -5.60
N ILE B 260 9.78 2.61 -5.84
CA ILE B 260 9.26 3.71 -5.04
C ILE B 260 7.92 3.30 -4.44
N PHE B 261 7.87 3.20 -3.11
CA PHE B 261 6.66 2.85 -2.40
C PHE B 261 6.25 4.08 -1.60
N SER B 262 5.01 4.55 -1.84
CA SER B 262 4.57 5.83 -1.31
C SER B 262 3.49 5.72 -0.23
N ALA B 263 3.33 4.54 0.34
CA ALA B 263 2.36 4.35 1.42
C ALA B 263 3.08 4.06 2.74
N PRO B 264 3.24 5.09 3.60
CA PRO B 264 3.99 4.92 4.84
C PRO B 264 3.24 4.05 5.82
N ASN B 265 3.97 3.29 6.63
CA ASN B 265 3.37 2.37 7.58
C ASN B 265 2.20 1.61 6.95
N TYR B 266 2.46 0.97 5.80
CA TYR B 266 1.43 0.34 5.00
C TYR B 266 0.46 -0.51 5.82
N CYS B 267 -0.84 -0.30 5.55
CA CYS B 267 -1.92 -1.00 6.24
C CYS B 267 -1.89 -0.77 7.75
N TYR B 268 -1.35 0.39 8.14
CA TYR B 268 -1.29 0.81 9.55
C TYR B 268 -0.52 -0.14 10.47
N ARG B 269 0.33 -1.01 9.91
CA ARG B 269 1.09 -1.94 10.75
C ARG B 269 2.52 -2.24 10.31
N CYS B 270 2.87 -1.95 9.08
CA CYS B 270 4.17 -2.38 8.55
C CYS B 270 5.43 -1.62 9.08
N GLY B 271 5.30 -0.32 9.36
CA GLY B 271 6.42 0.46 9.89
C GLY B 271 7.42 0.94 8.85
N ASN B 272 7.10 0.73 7.58
CA ASN B 272 7.94 1.18 6.47
C ASN B 272 7.84 2.68 6.29
N GLN B 273 8.90 3.25 5.73
CA GLN B 273 8.87 4.64 5.32
C GLN B 273 8.29 4.72 3.92
N ALA B 274 7.78 5.89 3.56
CA ALA B 274 7.36 6.15 2.18
C ALA B 274 8.38 7.05 1.49
N ALA B 275 8.29 7.14 0.16
CA ALA B 275 9.19 8.00 -0.61
C ALA B 275 8.59 8.45 -1.92
N ILE B 276 9.00 9.63 -2.35
CA ILE B 276 8.71 10.16 -3.68
C ILE B 276 10.02 10.61 -4.32
N MET B 277 10.09 10.56 -5.64
CA MET B 277 11.30 10.96 -6.36
C MET B 277 11.08 12.23 -7.16
N GLU B 278 11.77 13.29 -6.77
CA GLU B 278 11.69 14.57 -7.48
C GLU B 278 12.67 14.58 -8.62
N LEU B 279 12.17 14.87 -9.81
CA LEU B 279 13.00 15.09 -10.99
C LEU B 279 12.95 16.57 -11.35
N ASP B 280 14.10 17.24 -11.31
CA ASP B 280 14.10 18.67 -11.54
C ASP B 280 14.01 19.05 -13.03
N ASP B 281 14.28 20.31 -13.30
CA ASP B 281 14.21 20.87 -14.65
C ASP B 281 15.21 20.25 -15.61
N THR B 282 16.23 19.58 -15.08
CA THR B 282 17.25 18.92 -15.91
C THR B 282 17.31 17.42 -15.65
N LEU B 283 16.27 16.86 -15.03
CA LEU B 283 16.18 15.43 -14.70
C LEU B 283 17.18 14.95 -13.64
N LYS B 284 17.55 15.82 -12.70
CA LYS B 284 18.33 15.41 -11.53
C LYS B 284 17.37 14.78 -10.51
N TYR B 285 17.67 13.57 -10.07
CA TYR B 285 16.84 12.88 -9.09
C TYR B 285 17.20 13.27 -7.67
N SER B 286 16.17 13.41 -6.83
CA SER B 286 16.37 13.48 -5.38
C SER B 286 15.22 12.76 -4.70
N PHE B 287 15.54 12.03 -3.64
CA PHE B 287 14.57 11.21 -2.95
C PHE B 287 14.16 11.85 -1.64
N LEU B 288 12.87 11.88 -1.40
CA LEU B 288 12.32 12.42 -0.17
C LEU B 288 11.57 11.31 0.54
N GLN B 289 11.98 11.03 1.77
CA GLN B 289 11.37 10.00 2.58
C GLN B 289 10.44 10.62 3.60
N PHE B 290 9.30 9.98 3.84
CA PHE B 290 8.36 10.47 4.87
C PHE B 290 7.67 9.38 5.70
N ASP B 291 7.23 9.78 6.91
CA ASP B 291 6.51 8.90 7.82
C ASP B 291 5.01 9.05 7.60
N PRO B 292 4.20 8.19 8.26
CA PRO B 292 2.74 8.40 8.22
C PRO B 292 2.35 9.70 8.91
N ALA B 293 1.21 10.27 8.49
CA ALA B 293 0.60 11.44 9.13
C ALA B 293 0.09 11.06 10.53
N PRO B 294 0.10 12.00 11.50
CA PRO B 294 -0.28 11.61 12.86
C PRO B 294 -1.76 11.78 13.19
N THR B 305 -17.65 -12.80 9.35
CA THR B 305 -16.36 -12.63 9.99
C THR B 305 -16.20 -13.59 11.17
N PRO B 306 -15.60 -14.78 10.94
CA PRO B 306 -15.37 -15.76 12.00
C PRO B 306 -14.09 -15.51 12.81
N ASP B 307 -14.21 -15.46 14.14
CA ASP B 307 -13.06 -15.22 15.03
C ASP B 307 -12.52 -16.54 15.62
N TYR B 308 -12.22 -17.48 14.72
CA TYR B 308 -11.87 -18.84 15.10
C TYR B 308 -10.95 -19.39 14.00
N PHE B 309 -9.71 -19.71 14.37
CA PHE B 309 -8.70 -20.15 13.41
C PHE B 309 -8.10 -21.50 13.77
N LEU B 310 -8.89 -22.33 14.44
CA LEU B 310 -8.43 -23.62 14.93
C LEU B 310 -8.69 -24.74 13.92
N ARG C 5 -32.57 -30.77 1.09
CA ARG C 5 -33.64 -31.71 1.52
C ARG C 5 -33.35 -32.37 2.88
N ASP C 6 -32.47 -33.37 2.86
CA ASP C 6 -32.13 -34.16 4.02
C ASP C 6 -31.03 -33.49 4.81
N PHE C 7 -30.95 -33.83 6.09
CA PHE C 7 -29.76 -33.58 6.89
C PHE C 7 -29.06 -34.92 7.14
N SER C 8 -29.57 -35.97 6.50
CA SER C 8 -29.03 -37.32 6.61
C SER C 8 -27.66 -37.44 5.91
N PRO C 9 -26.76 -38.29 6.45
CA PRO C 9 -25.36 -38.33 6.03
C PRO C 9 -25.12 -38.82 4.59
N VAL C 10 -23.91 -38.63 4.12
CA VAL C 10 -23.47 -39.19 2.83
C VAL C 10 -22.11 -39.85 3.06
N PRO C 11 -21.99 -41.16 2.73
CA PRO C 11 -20.74 -41.91 2.93
C PRO C 11 -19.56 -41.34 2.12
N TRP C 12 -18.35 -41.52 2.65
CA TRP C 12 -17.12 -41.05 2.00
C TRP C 12 -16.93 -41.64 0.60
N SER C 13 -17.38 -42.88 0.42
CA SER C 13 -17.21 -43.65 -0.82
C SER C 13 -17.90 -43.02 -2.02
N GLN C 14 -18.58 -41.90 -1.78
CA GLN C 14 -19.18 -41.10 -2.84
C GLN C 14 -18.16 -40.13 -3.46
N TYR C 15 -17.06 -39.91 -2.76
CA TYR C 15 -16.10 -38.89 -3.15
C TYR C 15 -14.68 -39.43 -3.26
N PHE C 16 -14.34 -40.41 -2.44
CA PHE C 16 -13.03 -41.05 -2.48
C PHE C 16 -13.11 -42.43 -3.13
N GLU C 17 -12.11 -42.74 -3.95
CA GLU C 17 -11.99 -44.03 -4.61
C GLU C 17 -11.64 -45.17 -3.66
N SER C 18 -10.85 -44.86 -2.63
CA SER C 18 -10.42 -45.86 -1.65
C SER C 18 -10.00 -45.27 -0.31
N MET C 19 -9.56 -46.14 0.59
CA MET C 19 -8.98 -45.75 1.88
C MET C 19 -7.91 -46.76 2.33
N GLU C 20 -7.13 -46.38 3.33
CA GLU C 20 -6.10 -47.24 3.90
C GLU C 20 -5.82 -46.87 5.36
N ASP C 21 -5.64 -47.89 6.19
CA ASP C 21 -5.20 -47.72 7.57
C ASP C 21 -3.69 -47.96 7.68
N VAL C 22 -2.92 -46.89 7.50
CA VAL C 22 -1.46 -46.96 7.39
C VAL C 22 -0.77 -47.22 8.73
N GLU C 23 0.12 -48.22 8.74
CA GLU C 23 0.82 -48.65 9.95
C GLU C 23 2.16 -47.91 10.13
N VAL C 24 2.39 -47.40 11.35
CA VAL C 24 3.58 -46.60 11.66
C VAL C 24 4.14 -46.97 13.03
N GLU C 25 5.44 -47.25 13.10
CA GLU C 25 6.13 -47.64 14.33
C GLU C 25 7.08 -46.54 14.85
N ASN C 26 7.21 -46.46 16.18
CA ASN C 26 8.16 -45.54 16.83
C ASN C 26 8.89 -46.13 18.05
N GLU C 27 8.71 -45.53 19.22
CA GLU C 27 9.40 -45.96 20.45
C GLU C 27 8.56 -46.84 21.38
N THR C 28 7.40 -46.33 21.79
CA THR C 28 6.49 -47.07 22.68
C THR C 28 5.73 -48.18 21.94
N GLY C 29 5.30 -47.90 20.71
CA GLY C 29 4.58 -48.90 19.91
C GLY C 29 4.28 -48.54 18.46
N LYS C 30 3.08 -48.93 18.03
CA LYS C 30 2.64 -48.87 16.63
C LYS C 30 1.29 -48.13 16.50
N ASP C 31 1.14 -47.34 15.44
CA ASP C 31 -0.07 -46.56 15.21
C ASP C 31 -0.68 -46.80 13.83
N THR C 32 -1.99 -46.63 13.74
CA THR C 32 -2.75 -46.76 12.49
C THR C 32 -3.41 -45.43 12.17
N PHE C 33 -3.27 -44.99 10.92
CA PHE C 33 -3.59 -43.60 10.62
C PHE C 33 -4.88 -43.30 9.87
N ARG C 34 -5.16 -44.02 8.78
CA ARG C 34 -6.35 -43.76 7.97
C ARG C 34 -6.13 -42.61 7.00
N VAL C 35 -6.12 -42.94 5.72
CA VAL C 35 -6.07 -41.96 4.65
C VAL C 35 -7.18 -42.26 3.66
N TYR C 36 -7.74 -41.22 3.06
CA TYR C 36 -8.72 -41.37 1.99
C TYR C 36 -8.10 -40.93 0.67
N LYS C 37 -8.11 -41.85 -0.30
CA LYS C 37 -7.38 -41.68 -1.56
C LYS C 37 -8.31 -41.51 -2.76
N SER C 38 -7.77 -40.92 -3.82
CA SER C 38 -8.49 -40.78 -5.08
C SER C 38 -7.50 -40.34 -6.18
N GLY C 39 -7.57 -41.02 -7.33
CA GLY C 39 -6.73 -40.68 -8.48
C GLY C 39 -5.59 -41.65 -8.68
N SER C 40 -5.02 -41.66 -9.89
CA SER C 40 -4.03 -42.67 -10.27
C SER C 40 -2.73 -42.12 -10.85
N GLU C 41 -2.77 -40.89 -11.38
CA GLU C 41 -1.59 -40.26 -11.97
C GLU C 41 -1.43 -38.80 -11.50
N GLY C 42 -0.37 -38.14 -11.96
CA GLY C 42 -0.05 -36.77 -11.55
C GLY C 42 0.47 -36.67 -10.12
N PRO C 43 0.72 -35.44 -9.64
CA PRO C 43 1.26 -35.22 -8.29
C PRO C 43 0.27 -35.55 -7.17
N VAL C 44 0.77 -35.95 -6.01
CA VAL C 44 -0.08 -36.20 -4.85
C VAL C 44 -0.32 -34.93 -4.05
N LEU C 45 -1.58 -34.65 -3.77
CA LEU C 45 -1.95 -33.54 -2.91
C LEU C 45 -2.22 -34.09 -1.53
N LEU C 46 -1.31 -33.81 -0.60
CA LEU C 46 -1.42 -34.29 0.78
C LEU C 46 -2.20 -33.25 1.56
N LEU C 47 -3.37 -33.65 2.08
CA LEU C 47 -4.31 -32.72 2.69
C LEU C 47 -4.41 -32.88 4.21
N LEU C 48 -4.29 -31.77 4.94
CA LEU C 48 -4.32 -31.79 6.40
C LEU C 48 -5.41 -30.87 6.95
N HIS C 49 -6.41 -31.49 7.58
CA HIS C 49 -7.61 -30.82 8.10
C HIS C 49 -7.37 -29.90 9.32
N GLY C 50 -8.36 -29.07 9.63
CA GLY C 50 -8.35 -28.24 10.83
C GLY C 50 -8.55 -29.04 12.12
N GLY C 51 -8.47 -28.34 13.26
CA GLY C 51 -8.65 -28.96 14.57
C GLY C 51 -10.05 -29.50 14.78
N GLY C 52 -10.14 -30.68 15.40
CA GLY C 52 -11.43 -31.32 15.64
C GLY C 52 -12.14 -31.81 14.40
N HIS C 53 -11.46 -31.79 13.26
CA HIS C 53 -12.01 -32.30 12.01
C HIS C 53 -11.42 -33.63 11.61
N SER C 54 -11.49 -33.93 10.32
CA SER C 54 -11.03 -35.18 9.75
C SER C 54 -10.79 -35.01 8.27
N ALA C 55 -10.17 -36.01 7.66
CA ALA C 55 -9.89 -36.02 6.23
C ALA C 55 -11.13 -35.72 5.39
N LEU C 56 -12.29 -36.02 5.97
CA LEU C 56 -13.57 -35.89 5.27
C LEU C 56 -13.94 -34.44 4.92
N SER C 57 -13.27 -33.50 5.57
CA SER C 57 -13.42 -32.09 5.23
C SER C 57 -13.01 -31.79 3.79
N TRP C 58 -12.19 -32.65 3.21
CA TRP C 58 -11.65 -32.44 1.87
C TRP C 58 -12.45 -33.18 0.80
N ALA C 59 -13.51 -33.85 1.23
CA ALA C 59 -14.27 -34.74 0.35
C ALA C 59 -14.72 -34.04 -0.93
N VAL C 60 -15.43 -32.93 -0.78
CA VAL C 60 -16.00 -32.25 -1.94
C VAL C 60 -14.89 -31.64 -2.80
N PHE C 61 -13.97 -30.93 -2.17
CA PHE C 61 -12.76 -30.43 -2.83
C PHE C 61 -12.16 -31.48 -3.77
N THR C 62 -11.91 -32.67 -3.23
CA THR C 62 -11.31 -33.76 -3.99
C THR C 62 -12.06 -34.01 -5.31
N ALA C 63 -13.37 -34.19 -5.21
CA ALA C 63 -14.23 -34.39 -6.37
C ALA C 63 -14.08 -33.27 -7.42
N ALA C 64 -14.00 -32.02 -6.93
CA ALA C 64 -13.90 -30.85 -7.78
C ALA C 64 -12.54 -30.76 -8.47
N ILE C 65 -11.48 -31.11 -7.73
CA ILE C 65 -10.11 -30.95 -8.24
C ILE C 65 -9.69 -32.06 -9.21
N ILE C 66 -10.10 -33.29 -8.92
CA ILE C 66 -9.84 -34.45 -9.77
C ILE C 66 -10.40 -34.23 -11.18
N SER C 67 -11.55 -33.57 -11.26
CA SER C 67 -12.18 -33.26 -12.54
C SER C 67 -11.59 -32.00 -13.19
N ARG C 68 -10.48 -31.51 -12.64
CA ARG C 68 -9.78 -30.35 -13.20
C ARG C 68 -8.37 -30.68 -13.68
N VAL C 69 -7.58 -31.32 -12.82
CA VAL C 69 -6.22 -31.75 -13.18
C VAL C 69 -5.98 -33.22 -12.85
N GLN C 70 -5.03 -33.82 -13.57
CA GLN C 70 -4.60 -35.18 -13.27
C GLN C 70 -3.68 -35.13 -12.05
N CYS C 71 -4.26 -35.43 -10.89
CA CYS C 71 -3.52 -35.47 -9.65
C CYS C 71 -3.97 -36.67 -8.81
N ARG C 72 -3.24 -36.93 -7.73
CA ARG C 72 -3.68 -37.88 -6.72
C ARG C 72 -3.98 -37.14 -5.42
N ILE C 73 -4.86 -37.71 -4.61
CA ILE C 73 -5.28 -37.12 -3.35
C ILE C 73 -4.99 -38.07 -2.19
N VAL C 74 -4.31 -37.54 -1.18
CA VAL C 74 -4.12 -38.26 0.09
C VAL C 74 -4.60 -37.36 1.22
N ALA C 75 -5.83 -37.59 1.66
CA ALA C 75 -6.44 -36.82 2.73
C ALA C 75 -6.23 -37.56 4.04
N LEU C 76 -5.38 -37.02 4.90
CA LEU C 76 -4.96 -37.73 6.11
C LEU C 76 -5.74 -37.34 7.37
N ASP C 77 -6.27 -38.34 8.06
CA ASP C 77 -6.81 -38.15 9.42
C ASP C 77 -5.62 -38.00 10.38
N LEU C 78 -5.43 -36.81 10.92
CA LEU C 78 -4.34 -36.56 11.87
C LEU C 78 -4.59 -37.26 13.22
N ARG C 79 -3.56 -37.36 14.05
CA ARG C 79 -3.66 -38.10 15.32
C ARG C 79 -4.78 -37.55 16.21
N SER C 80 -5.42 -38.47 16.94
CA SER C 80 -6.59 -38.18 17.77
C SER C 80 -7.83 -37.77 16.96
N HIS C 81 -7.67 -37.63 15.65
CA HIS C 81 -8.77 -37.22 14.77
C HIS C 81 -9.26 -38.37 13.88
N GLY C 82 -10.49 -38.25 13.41
CA GLY C 82 -11.09 -39.25 12.52
C GLY C 82 -10.98 -40.64 13.06
N GLU C 83 -10.39 -41.55 12.27
CA GLU C 83 -10.23 -42.95 12.68
C GLU C 83 -8.77 -43.32 12.96
N THR C 84 -7.96 -42.34 13.35
CA THR C 84 -6.54 -42.55 13.63
C THR C 84 -6.30 -43.01 15.06
N LYS C 85 -5.94 -44.29 15.19
CA LYS C 85 -5.72 -44.91 16.48
C LYS C 85 -4.24 -44.84 16.81
N VAL C 86 -3.90 -44.08 17.84
CA VAL C 86 -2.51 -43.85 18.23
C VAL C 86 -2.32 -44.29 19.68
N LYS C 87 -1.20 -44.97 19.95
CA LYS C 87 -0.85 -45.40 21.31
C LYS C 87 -0.84 -44.21 22.29
N ASN C 88 -0.48 -43.04 21.77
CA ASN C 88 -0.43 -41.81 22.57
C ASN C 88 -1.26 -40.68 21.93
N PRO C 89 -2.57 -40.62 22.23
CA PRO C 89 -3.43 -39.64 21.60
C PRO C 89 -3.52 -38.31 22.36
N GLU C 90 -2.73 -38.18 23.43
CA GLU C 90 -2.76 -36.96 24.24
C GLU C 90 -1.72 -35.91 23.77
N ASP C 91 -0.65 -36.37 23.14
CA ASP C 91 0.42 -35.49 22.66
C ASP C 91 0.12 -34.90 21.27
N LEU C 92 -0.33 -33.64 21.25
CA LEU C 92 -0.69 -32.95 20.01
C LEU C 92 0.17 -31.71 19.76
N SER C 93 1.48 -31.87 19.96
CA SER C 93 2.42 -30.80 19.70
C SER C 93 2.62 -30.67 18.19
N ALA C 94 3.04 -29.47 17.76
CA ALA C 94 3.28 -29.18 16.35
C ALA C 94 4.27 -30.17 15.75
N GLU C 95 5.31 -30.50 16.53
CA GLU C 95 6.39 -31.36 16.07
C GLU C 95 5.92 -32.80 15.89
N THR C 96 5.21 -33.32 16.90
CA THR C 96 4.75 -34.70 16.86
C THR C 96 3.81 -34.94 15.67
N MET C 97 2.92 -33.99 15.42
CA MET C 97 1.91 -34.13 14.38
C MET C 97 2.53 -34.03 12.99
N ALA C 98 3.60 -33.23 12.88
CA ALA C 98 4.35 -33.07 11.64
C ALA C 98 5.20 -34.31 11.37
N LYS C 99 5.82 -34.81 12.44
CA LYS C 99 6.56 -36.07 12.43
C LYS C 99 5.65 -37.19 11.89
N ASP C 100 4.37 -37.13 12.28
CA ASP C 100 3.39 -38.13 11.86
C ASP C 100 3.15 -38.08 10.37
N VAL C 101 2.95 -36.86 9.86
CA VAL C 101 2.74 -36.63 8.43
C VAL C 101 3.89 -37.24 7.63
N GLY C 102 5.12 -36.94 8.05
CA GLY C 102 6.31 -37.45 7.39
C GLY C 102 6.34 -38.96 7.36
N ASN C 103 5.96 -39.56 8.48
CA ASN C 103 5.99 -41.02 8.64
C ASN C 103 4.96 -41.74 7.80
N VAL C 104 3.79 -41.11 7.61
CA VAL C 104 2.74 -41.64 6.77
C VAL C 104 3.26 -41.70 5.33
N VAL C 105 3.97 -40.66 4.92
CA VAL C 105 4.61 -40.62 3.61
C VAL C 105 5.58 -41.78 3.42
N GLU C 106 6.53 -41.93 4.35
CA GLU C 106 7.49 -43.04 4.29
C GLU C 106 6.79 -44.39 4.27
N ALA C 107 5.84 -44.58 5.18
CA ALA C 107 5.11 -45.85 5.29
C ALA C 107 4.31 -46.20 4.03
N MET C 108 3.74 -45.19 3.38
CA MET C 108 2.98 -45.39 2.15
C MET C 108 3.89 -45.63 0.95
N TYR C 109 5.00 -44.88 0.87
CA TYR C 109 5.95 -45.01 -0.24
C TYR C 109 7.37 -45.24 0.26
N GLY C 110 7.98 -44.18 0.81
CA GLY C 110 9.36 -44.23 1.32
C GLY C 110 10.38 -44.32 0.21
N ASP C 111 10.45 -45.49 -0.41
CA ASP C 111 11.37 -45.77 -1.51
C ASP C 111 11.07 -44.91 -2.75
N LEU C 112 9.79 -44.59 -2.94
CA LEU C 112 9.32 -43.92 -4.14
C LEU C 112 8.36 -42.78 -3.78
N PRO C 113 8.86 -41.71 -3.13
CA PRO C 113 7.95 -40.62 -2.85
C PRO C 113 7.66 -39.81 -4.12
N PRO C 114 6.37 -39.72 -4.51
CA PRO C 114 6.02 -39.00 -5.72
C PRO C 114 5.88 -37.51 -5.44
N PRO C 115 5.89 -36.66 -6.49
CA PRO C 115 5.64 -35.24 -6.29
C PRO C 115 4.46 -35.00 -5.32
N ILE C 116 4.69 -34.16 -4.32
CA ILE C 116 3.68 -33.87 -3.30
C ILE C 116 3.49 -32.37 -3.08
N MET C 117 2.23 -31.94 -3.06
CA MET C 117 1.87 -30.61 -2.64
C MET C 117 1.21 -30.72 -1.27
N LEU C 118 1.69 -29.96 -0.31
CA LEU C 118 1.04 -29.91 1.00
C LEU C 118 -0.08 -28.86 1.00
N ILE C 119 -1.22 -29.22 1.56
CA ILE C 119 -2.35 -28.30 1.67
C ILE C 119 -2.97 -28.46 3.05
N GLY C 120 -2.85 -27.41 3.85
CA GLY C 120 -3.29 -27.47 5.24
C GLY C 120 -4.37 -26.47 5.58
N HIS C 121 -5.37 -26.93 6.33
CA HIS C 121 -6.41 -26.03 6.81
C HIS C 121 -6.18 -25.78 8.29
N ALA C 122 -6.31 -24.52 8.69
CA ALA C 122 -6.18 -24.08 10.08
C ALA C 122 -5.05 -24.84 10.79
N MET C 123 -5.38 -25.64 11.81
CA MET C 123 -4.38 -26.43 12.52
C MET C 123 -3.49 -27.18 11.54
N GLY C 124 -4.12 -27.92 10.64
CA GLY C 124 -3.43 -28.60 9.55
C GLY C 124 -2.61 -27.70 8.65
N GLY C 125 -2.95 -26.42 8.63
CA GLY C 125 -2.12 -25.39 7.99
C GLY C 125 -0.77 -25.20 8.67
N ALA C 126 -0.77 -25.14 10.00
CA ALA C 126 0.45 -24.98 10.79
C ALA C 126 1.33 -26.22 10.73
N ILE C 127 0.69 -27.39 10.65
CA ILE C 127 1.39 -28.66 10.64
C ILE C 127 2.06 -28.85 9.29
N ALA C 128 1.32 -28.54 8.23
CA ALA C 128 1.84 -28.55 6.86
C ALA C 128 3.14 -27.77 6.77
N VAL C 129 3.14 -26.59 7.38
CA VAL C 129 4.32 -25.74 7.40
C VAL C 129 5.46 -26.39 8.19
N HIS C 130 5.22 -26.72 9.45
CA HIS C 130 6.21 -27.43 10.27
C HIS C 130 6.79 -28.69 9.61
N THR C 131 5.98 -29.34 8.78
CA THR C 131 6.42 -30.50 8.00
C THR C 131 7.31 -30.07 6.84
N ALA C 132 6.88 -29.04 6.12
CA ALA C 132 7.63 -28.51 4.98
C ALA C 132 8.97 -27.96 5.45
N SER C 133 8.93 -27.12 6.49
CA SER C 133 10.12 -26.48 7.04
C SER C 133 11.21 -27.46 7.45
N SER C 134 10.82 -28.53 8.16
CA SER C 134 11.76 -29.58 8.59
C SER C 134 12.17 -30.50 7.44
N ASN C 135 11.68 -30.19 6.25
CA ASN C 135 11.88 -30.99 5.04
C ASN C 135 11.64 -32.47 5.26
N LEU C 136 10.48 -32.79 5.83
CA LEU C 136 10.11 -34.16 6.12
C LEU C 136 9.54 -34.86 4.88
N VAL C 137 9.05 -34.07 3.94
CA VAL C 137 8.60 -34.60 2.65
C VAL C 137 9.68 -34.35 1.60
N PRO C 138 10.38 -35.41 1.16
CA PRO C 138 11.54 -35.26 0.28
C PRO C 138 11.19 -35.02 -1.20
N SER C 139 9.90 -34.94 -1.52
CA SER C 139 9.47 -34.67 -2.88
C SER C 139 8.54 -33.45 -2.95
N LEU C 140 8.27 -32.86 -1.78
CA LEU C 140 7.39 -31.69 -1.67
C LEU C 140 7.77 -30.58 -2.65
N LEU C 141 6.83 -30.21 -3.52
CA LEU C 141 7.08 -29.17 -4.51
C LEU C 141 6.27 -27.89 -4.34
N GLY C 142 5.27 -27.92 -3.46
CA GLY C 142 4.44 -26.74 -3.19
C GLY C 142 3.80 -26.79 -1.82
N LEU C 143 3.27 -25.65 -1.37
CA LEU C 143 2.65 -25.55 -0.05
C LEU C 143 1.50 -24.57 -0.04
N CYS C 144 0.36 -25.01 0.49
CA CYS C 144 -0.84 -24.20 0.59
C CYS C 144 -1.37 -24.15 2.03
N MET C 145 -1.57 -22.94 2.52
CA MET C 145 -2.09 -22.73 3.86
C MET C 145 -3.47 -22.10 3.71
N ILE C 146 -4.49 -22.74 4.30
CA ILE C 146 -5.85 -22.25 4.17
C ILE C 146 -6.33 -21.63 5.47
N ASP C 147 -6.61 -20.32 5.39
CA ASP C 147 -7.24 -19.54 6.45
C ASP C 147 -6.56 -19.57 7.83
N VAL C 148 -5.23 -19.64 7.84
CA VAL C 148 -4.45 -19.47 9.07
C VAL C 148 -3.36 -18.44 8.88
N VAL C 149 -3.34 -17.46 9.76
CA VAL C 149 -2.24 -16.51 9.83
C VAL C 149 -1.89 -16.31 11.31
N GLU C 150 -0.60 -16.28 11.60
CA GLU C 150 -0.08 -16.24 12.97
C GLU C 150 -0.67 -15.16 13.85
N GLY C 151 -0.43 -13.91 13.47
CA GLY C 151 -0.81 -12.75 14.27
C GLY C 151 -2.27 -12.75 14.67
N THR C 152 -3.14 -13.09 13.73
CA THR C 152 -4.57 -13.11 14.01
C THR C 152 -5.01 -14.34 14.80
N ALA C 153 -4.40 -15.49 14.51
CA ALA C 153 -4.66 -16.72 15.26
C ALA C 153 -4.27 -16.59 16.72
N MET C 154 -3.11 -15.96 16.96
CA MET C 154 -2.62 -15.70 18.31
C MET C 154 -3.58 -14.74 19.03
N ASP C 155 -4.09 -13.75 18.30
CA ASP C 155 -5.07 -12.80 18.81
C ASP C 155 -6.43 -13.45 19.11
N ALA C 156 -6.67 -14.63 18.56
CA ALA C 156 -7.97 -15.28 18.65
C ALA C 156 -8.05 -16.36 19.73
N LEU C 157 -6.89 -16.73 20.27
CA LEU C 157 -6.80 -17.86 21.21
C LEU C 157 -7.94 -17.95 22.22
N ASN C 158 -8.15 -16.88 22.99
CA ASN C 158 -9.18 -16.85 24.03
C ASN C 158 -10.59 -17.01 23.49
N SER C 159 -10.86 -16.39 22.34
CA SER C 159 -12.19 -16.41 21.75
C SER C 159 -12.56 -17.78 21.19
N MET C 160 -11.59 -18.52 20.66
CA MET C 160 -11.87 -19.89 20.21
C MET C 160 -11.88 -20.90 21.35
N GLN C 161 -11.27 -20.51 22.47
CA GLN C 161 -11.42 -21.19 23.74
C GLN C 161 -12.89 -21.09 24.16
N ASN C 162 -13.46 -19.89 24.01
CA ASN C 162 -14.87 -19.63 24.30
C ASN C 162 -15.85 -20.40 23.41
N PHE C 163 -15.58 -20.42 22.10
CA PHE C 163 -16.43 -21.14 21.18
C PHE C 163 -16.58 -22.60 21.60
N LEU C 164 -15.44 -23.26 21.81
CA LEU C 164 -15.41 -24.68 22.10
C LEU C 164 -16.22 -25.05 23.32
N ARG C 165 -15.96 -24.40 24.46
CA ARG C 165 -16.75 -24.67 25.65
C ARG C 165 -18.12 -23.99 25.64
N GLY C 166 -18.55 -23.58 24.45
CA GLY C 166 -19.92 -23.13 24.21
C GLY C 166 -20.68 -24.13 23.36
N ARG C 167 -19.96 -24.88 22.53
CA ARG C 167 -20.52 -25.91 21.66
C ARG C 167 -21.45 -26.84 22.40
N PRO C 168 -22.45 -27.41 21.71
CA PRO C 168 -23.22 -28.49 22.33
C PRO C 168 -22.29 -29.65 22.73
N LYS C 169 -22.61 -30.31 23.84
CA LYS C 169 -21.79 -31.41 24.33
C LYS C 169 -22.04 -32.72 23.59
N THR C 170 -23.31 -33.00 23.28
CA THR C 170 -23.70 -34.23 22.58
C THR C 170 -24.70 -33.93 21.46
N PHE C 171 -24.95 -34.92 20.60
CA PHE C 171 -25.98 -34.80 19.56
C PHE C 171 -26.92 -35.99 19.58
N LYS C 172 -28.21 -35.72 19.49
CA LYS C 172 -29.25 -36.75 19.47
C LYS C 172 -29.00 -37.76 18.34
N SER C 173 -28.62 -37.24 17.17
CA SER C 173 -28.31 -38.07 16.01
C SER C 173 -27.34 -37.35 15.08
N LEU C 174 -26.68 -38.15 14.23
CA LEU C 174 -25.77 -37.67 13.20
C LEU C 174 -26.43 -36.61 12.31
N GLU C 175 -27.72 -36.77 12.06
CA GLU C 175 -28.53 -35.77 11.34
C GLU C 175 -28.51 -34.40 12.04
N ASN C 176 -28.73 -34.40 13.35
CA ASN C 176 -28.70 -33.17 14.15
C ASN C 176 -27.34 -32.51 14.17
N ALA C 177 -26.28 -33.34 14.14
CA ALA C 177 -24.91 -32.81 14.08
C ALA C 177 -24.71 -32.07 12.77
N ILE C 178 -25.13 -32.69 11.66
CA ILE C 178 -25.09 -32.08 10.33
C ILE C 178 -25.92 -30.78 10.28
N GLU C 179 -27.13 -30.84 10.82
CA GLU C 179 -28.03 -29.69 10.88
C GLU C 179 -27.40 -28.55 11.67
N TRP C 180 -26.88 -28.88 12.85
CA TRP C 180 -26.26 -27.90 13.73
C TRP C 180 -25.08 -27.18 13.07
N SER C 181 -24.29 -27.91 12.29
CA SER C 181 -23.10 -27.34 11.65
C SER C 181 -23.45 -26.26 10.62
N VAL C 182 -24.55 -26.46 9.89
CA VAL C 182 -25.00 -25.46 8.95
C VAL C 182 -25.68 -24.33 9.70
N LYS C 183 -26.59 -24.67 10.62
CA LYS C 183 -27.31 -23.66 11.39
C LYS C 183 -26.42 -22.77 12.26
N SER C 184 -25.38 -23.35 12.87
CA SER C 184 -24.43 -22.58 13.65
C SER C 184 -23.50 -21.74 12.77
N GLY C 185 -23.29 -22.20 11.53
CA GLY C 185 -22.44 -21.48 10.60
C GLY C 185 -21.02 -22.02 10.51
N GLN C 186 -20.78 -23.16 11.15
CA GLN C 186 -19.48 -23.82 11.05
C GLN C 186 -19.16 -24.19 9.61
N ILE C 187 -20.14 -24.73 8.89
CA ILE C 187 -19.98 -25.10 7.48
C ILE C 187 -21.13 -24.51 6.66
N ARG C 188 -20.80 -23.75 5.63
CA ARG C 188 -21.79 -23.03 4.82
C ARG C 188 -22.27 -23.83 3.60
N ASN C 189 -21.75 -25.06 3.45
CA ASN C 189 -22.09 -25.91 2.32
C ASN C 189 -22.68 -27.24 2.81
N LEU C 190 -23.97 -27.41 2.60
CA LEU C 190 -24.70 -28.56 3.10
C LEU C 190 -24.19 -29.87 2.52
N GLU C 191 -23.82 -29.87 1.24
CA GLU C 191 -23.24 -31.05 0.59
C GLU C 191 -21.98 -31.51 1.34
N SER C 192 -21.16 -30.55 1.72
CA SER C 192 -19.91 -30.83 2.42
C SER C 192 -20.14 -31.24 3.86
N ALA C 193 -21.12 -30.61 4.51
CA ALA C 193 -21.46 -30.92 5.90
C ALA C 193 -21.95 -32.36 6.04
N ARG C 194 -22.76 -32.81 5.08
CA ARG C 194 -23.35 -34.15 5.08
C ARG C 194 -22.31 -35.27 5.02
N VAL C 195 -21.12 -34.97 4.51
CA VAL C 195 -20.06 -35.96 4.39
C VAL C 195 -18.93 -35.78 5.41
N SER C 196 -18.64 -34.52 5.77
CA SER C 196 -17.53 -34.22 6.67
C SER C 196 -17.86 -34.37 8.16
N MET C 197 -19.11 -34.16 8.54
CA MET C 197 -19.49 -34.09 9.94
C MET C 197 -19.38 -35.43 10.68
N VAL C 198 -19.34 -36.52 9.92
CA VAL C 198 -19.20 -37.85 10.51
C VAL C 198 -17.78 -38.10 11.00
N GLY C 199 -16.83 -37.30 10.52
CA GLY C 199 -15.46 -37.37 10.99
C GLY C 199 -15.23 -36.45 12.17
N GLN C 200 -16.27 -35.69 12.53
CA GLN C 200 -16.21 -34.78 13.68
C GLN C 200 -16.72 -35.42 14.96
N VAL C 201 -17.60 -36.41 14.80
CA VAL C 201 -18.27 -37.03 15.94
C VAL C 201 -18.27 -38.57 15.86
N LYS C 202 -18.30 -39.20 17.05
CA LYS C 202 -18.44 -40.64 17.18
C LYS C 202 -19.69 -40.93 18.01
N GLN C 203 -19.97 -42.21 18.29
CA GLN C 203 -21.21 -42.58 19.01
C GLN C 203 -21.15 -43.94 19.71
N CYS C 204 -22.00 -44.12 20.73
CA CYS C 204 -22.13 -45.40 21.44
C CYS C 204 -23.59 -45.71 21.80
N LYS C 207 -25.70 -44.55 24.51
CA LYS C 207 -25.00 -43.27 24.46
C LYS C 207 -25.34 -42.48 23.21
N PRO C 208 -25.55 -41.16 23.34
CA PRO C 208 -25.71 -40.27 22.20
C PRO C 208 -24.38 -40.06 21.46
N TYR C 209 -24.44 -39.34 20.33
CA TYR C 209 -23.25 -38.94 19.58
C TYR C 209 -22.51 -37.86 20.34
N THR C 210 -21.18 -37.98 20.41
CA THR C 210 -20.34 -36.97 21.04
C THR C 210 -19.12 -36.62 20.17
N TRP C 211 -18.39 -35.57 20.57
CA TRP C 211 -17.21 -35.09 19.84
C TRP C 211 -16.08 -36.11 19.81
N ARG C 212 -15.59 -36.39 18.62
CA ARG C 212 -14.49 -37.34 18.40
C ARG C 212 -13.27 -36.95 19.22
N ILE C 213 -13.07 -35.66 19.42
CA ILE C 213 -11.97 -35.13 20.21
C ILE C 213 -12.40 -33.96 21.09
N GLU C 214 -12.21 -34.09 22.40
CA GLU C 214 -12.43 -33.00 23.34
C GLU C 214 -11.36 -31.92 23.08
N LEU C 215 -11.58 -31.12 22.05
CA LEU C 215 -10.57 -30.20 21.50
C LEU C 215 -10.14 -29.09 22.46
N ALA C 216 -10.97 -28.83 23.47
CA ALA C 216 -10.66 -27.83 24.47
C ALA C 216 -9.42 -28.25 25.26
N LYS C 217 -9.18 -29.56 25.32
CA LYS C 217 -8.03 -30.12 26.02
C LYS C 217 -6.70 -29.72 25.38
N THR C 218 -6.75 -29.49 24.06
CA THR C 218 -5.54 -29.26 23.27
C THR C 218 -5.03 -27.82 23.37
N GLU C 219 -5.66 -27.02 24.21
CA GLU C 219 -5.30 -25.60 24.36
C GLU C 219 -3.80 -25.38 24.66
N LYS C 220 -3.21 -26.29 25.42
CA LYS C 220 -1.79 -26.20 25.79
C LYS C 220 -0.83 -26.26 24.60
N TYR C 221 -1.28 -26.82 23.48
CA TYR C 221 -0.44 -26.95 22.29
C TYR C 221 -0.65 -25.84 21.26
N TRP C 222 -1.58 -24.93 21.52
CA TRP C 222 -1.96 -23.91 20.53
C TRP C 222 -0.89 -22.85 20.29
N ASP C 223 -0.17 -22.47 21.35
CA ASP C 223 0.95 -21.54 21.22
C ASP C 223 2.04 -22.10 20.31
N GLY C 224 2.38 -23.36 20.51
CA GLY C 224 3.35 -24.06 19.68
C GLY C 224 2.93 -24.23 18.23
N TRP C 225 1.62 -24.19 17.97
CA TRP C 225 1.11 -24.33 16.60
C TRP C 225 1.33 -23.07 15.77
N PHE C 226 0.87 -21.93 16.27
CA PHE C 226 0.84 -20.70 15.47
C PHE C 226 2.05 -19.77 15.68
N ARG C 227 2.78 -19.92 16.79
CA ARG C 227 3.91 -19.02 17.04
C ARG C 227 4.91 -19.10 15.89
N GLY C 228 5.39 -17.93 15.47
CA GLY C 228 6.36 -17.81 14.38
C GLY C 228 5.97 -18.43 13.06
N LEU C 229 4.68 -18.75 12.91
CA LEU C 229 4.18 -19.44 11.72
C LEU C 229 4.30 -18.61 10.44
N SER C 230 4.16 -17.29 10.57
CA SER C 230 4.29 -16.43 9.40
C SER C 230 5.73 -16.44 8.87
N ASN C 231 6.69 -16.14 9.74
CA ASN C 231 8.11 -16.20 9.40
C ASN C 231 8.54 -17.59 8.94
N LEU C 232 7.95 -18.62 9.56
CA LEU C 232 8.23 -19.99 9.16
C LEU C 232 7.71 -20.28 7.74
N PHE C 233 6.44 -19.93 7.50
CA PHE C 233 5.81 -20.08 6.18
C PHE C 233 6.65 -19.39 5.11
N LEU C 234 7.07 -18.17 5.40
CA LEU C 234 7.88 -17.36 4.50
C LEU C 234 9.26 -17.93 4.20
N SER C 235 9.77 -18.77 5.10
CA SER C 235 11.13 -19.30 4.96
C SER C 235 11.23 -20.58 4.12
N CYS C 236 10.08 -21.16 3.76
CA CYS C 236 10.07 -22.38 2.94
C CYS C 236 10.28 -22.00 1.48
N PRO C 237 11.46 -22.33 0.93
CA PRO C 237 11.86 -21.79 -0.38
C PRO C 237 11.19 -22.51 -1.54
N ILE C 238 9.89 -22.70 -1.46
CA ILE C 238 9.12 -23.39 -2.49
C ILE C 238 7.88 -22.57 -2.80
N PRO C 239 7.31 -22.74 -4.01
CA PRO C 239 6.11 -21.96 -4.35
C PRO C 239 5.02 -22.14 -3.30
N LYS C 240 4.52 -21.03 -2.79
CA LYS C 240 3.52 -21.05 -1.72
C LYS C 240 2.20 -20.40 -2.12
N LEU C 241 1.11 -21.00 -1.65
CA LEU C 241 -0.23 -20.46 -1.81
C LEU C 241 -0.89 -20.25 -0.44
N LEU C 242 -1.57 -19.12 -0.28
CA LEU C 242 -2.31 -18.81 0.93
C LEU C 242 -3.73 -18.37 0.58
N LEU C 243 -4.72 -19.12 1.07
CA LEU C 243 -6.12 -18.81 0.81
C LEU C 243 -6.81 -18.33 2.09
N LEU C 244 -7.47 -17.18 2.00
CA LEU C 244 -8.15 -16.57 3.14
C LEU C 244 -9.61 -16.24 2.84
N ALA C 245 -10.44 -16.24 3.89
CA ALA C 245 -11.82 -15.77 3.78
C ALA C 245 -11.88 -14.24 3.74
N GLY C 246 -10.76 -13.57 4.05
CA GLY C 246 -10.71 -12.11 4.05
C GLY C 246 -9.33 -11.53 4.34
N VAL C 247 -9.05 -10.34 3.81
CA VAL C 247 -7.78 -9.67 4.06
C VAL C 247 -7.55 -9.37 5.54
N ASP C 248 -8.62 -9.38 6.32
CA ASP C 248 -8.55 -9.21 7.78
C ASP C 248 -7.68 -10.27 8.47
N ARG C 249 -7.49 -11.42 7.84
CA ARG C 249 -6.66 -12.47 8.43
C ARG C 249 -5.18 -12.09 8.54
N LEU C 250 -4.70 -11.22 7.64
CA LEU C 250 -3.28 -10.89 7.56
C LEU C 250 -2.73 -10.25 8.84
N ASP C 251 -1.51 -10.67 9.21
CA ASP C 251 -0.75 -10.07 10.28
C ASP C 251 0.38 -9.22 9.68
N LYS C 252 1.19 -8.59 10.52
CA LYS C 252 2.31 -7.77 10.07
C LYS C 252 3.23 -8.52 9.09
N ASP C 253 3.68 -9.72 9.47
CA ASP C 253 4.75 -10.42 8.75
C ASP C 253 4.35 -10.94 7.37
N LEU C 254 3.12 -11.44 7.24
CA LEU C 254 2.65 -11.92 5.96
C LEU C 254 2.21 -10.78 5.05
N THR C 255 1.78 -9.66 5.63
CA THR C 255 1.45 -8.47 4.85
C THR C 255 2.71 -7.94 4.17
N ILE C 256 3.76 -7.70 4.95
CA ILE C 256 5.06 -7.32 4.39
C ILE C 256 5.46 -8.35 3.33
N GLY C 257 5.31 -9.63 3.67
CA GLY C 257 5.68 -10.74 2.80
C GLY C 257 4.96 -10.76 1.48
N GLN C 258 3.66 -10.53 1.51
CA GLN C 258 2.84 -10.62 0.30
C GLN C 258 2.96 -9.37 -0.59
N MET C 259 3.21 -8.22 0.04
CA MET C 259 3.40 -6.97 -0.67
C MET C 259 4.79 -6.93 -1.30
N GLN C 260 5.68 -7.79 -0.80
CA GLN C 260 7.00 -7.94 -1.38
C GLN C 260 6.99 -9.06 -2.42
N GLY C 261 5.79 -9.60 -2.67
CA GLY C 261 5.59 -10.60 -3.72
C GLY C 261 6.30 -11.91 -3.47
N LYS C 262 6.28 -12.37 -2.22
CA LYS C 262 6.96 -13.60 -1.85
C LYS C 262 6.12 -14.87 -1.96
N PHE C 263 4.80 -14.69 -2.01
CA PHE C 263 3.89 -15.80 -2.14
C PHE C 263 2.61 -15.37 -2.83
N GLN C 264 1.68 -16.31 -3.02
CA GLN C 264 0.40 -16.02 -3.68
C GLN C 264 -0.73 -16.05 -2.68
N MET C 265 -1.66 -15.10 -2.83
CA MET C 265 -2.80 -15.03 -1.93
C MET C 265 -4.07 -14.89 -2.74
N GLN C 266 -5.06 -15.73 -2.45
CA GLN C 266 -6.41 -15.50 -2.95
C GLN C 266 -7.34 -15.31 -1.77
N VAL C 267 -8.26 -14.37 -1.93
CA VAL C 267 -9.26 -14.09 -0.92
C VAL C 267 -10.61 -14.57 -1.45
N LEU C 268 -11.36 -15.28 -0.61
CA LEU C 268 -12.67 -15.76 -0.98
C LEU C 268 -13.70 -15.32 0.07
N PRO C 269 -14.17 -14.06 -0.02
CA PRO C 269 -14.98 -13.45 1.05
C PRO C 269 -16.38 -14.05 1.16
N GLN C 270 -16.73 -14.92 0.22
CA GLN C 270 -17.99 -15.65 0.26
C GLN C 270 -17.94 -16.87 1.21
N CYS C 271 -16.79 -17.09 1.84
CA CYS C 271 -16.60 -18.24 2.72
C CYS C 271 -16.52 -17.87 4.19
N GLY C 272 -16.81 -18.86 5.03
CA GLY C 272 -16.54 -18.78 6.47
C GLY C 272 -15.13 -19.30 6.68
N HIS C 273 -14.87 -19.90 7.85
CA HIS C 273 -13.53 -20.39 8.18
C HIS C 273 -13.10 -21.64 7.41
N ALA C 274 -14.03 -22.56 7.18
CA ALA C 274 -13.72 -23.77 6.41
C ALA C 274 -13.91 -23.53 4.91
N VAL C 275 -12.97 -22.80 4.32
CA VAL C 275 -13.15 -22.26 2.96
C VAL C 275 -13.19 -23.35 1.89
N HIS C 276 -12.44 -24.43 2.14
CA HIS C 276 -12.42 -25.61 1.28
C HIS C 276 -13.73 -26.38 1.36
N GLU C 277 -14.42 -26.28 2.49
CA GLU C 277 -15.74 -26.88 2.63
C GLU C 277 -16.81 -25.97 2.08
N ASP C 278 -16.62 -24.66 2.21
CA ASP C 278 -17.64 -23.68 1.80
C ASP C 278 -17.62 -23.39 0.30
N ALA C 279 -16.43 -23.46 -0.31
CA ALA C 279 -16.28 -23.18 -1.73
C ALA C 279 -15.28 -24.14 -2.36
N PRO C 280 -15.64 -25.44 -2.45
CA PRO C 280 -14.71 -26.46 -2.91
C PRO C 280 -14.40 -26.25 -4.38
N ASP C 281 -15.40 -25.76 -5.10
CA ASP C 281 -15.31 -25.39 -6.50
C ASP C 281 -14.11 -24.47 -6.75
N LYS C 282 -14.09 -23.34 -6.05
CA LYS C 282 -13.07 -22.31 -6.26
C LYS C 282 -11.71 -22.59 -5.62
N VAL C 283 -11.70 -23.37 -4.55
CA VAL C 283 -10.44 -23.81 -3.95
C VAL C 283 -9.74 -24.78 -4.92
N ALA C 284 -10.51 -25.67 -5.53
CA ALA C 284 -9.99 -26.58 -6.55
C ALA C 284 -9.41 -25.78 -7.71
N GLU C 285 -10.16 -24.78 -8.16
CA GLU C 285 -9.77 -23.90 -9.26
C GLU C 285 -8.44 -23.17 -9.00
N ALA C 286 -8.25 -22.70 -7.76
CA ALA C 286 -7.06 -21.94 -7.39
C ALA C 286 -5.81 -22.82 -7.36
N VAL C 287 -5.96 -23.99 -6.73
CA VAL C 287 -4.90 -24.98 -6.63
C VAL C 287 -4.60 -25.56 -8.02
N ALA C 288 -5.64 -25.69 -8.84
CA ALA C 288 -5.48 -26.19 -10.21
C ALA C 288 -4.65 -25.24 -11.04
N THR C 289 -5.04 -23.96 -11.05
CA THR C 289 -4.28 -22.93 -11.73
C THR C 289 -2.83 -22.92 -11.22
N PHE C 290 -2.67 -22.90 -9.90
CA PHE C 290 -1.35 -22.95 -9.27
C PHE C 290 -0.51 -24.09 -9.86
N LEU C 291 -1.08 -25.29 -9.88
CA LEU C 291 -0.37 -26.47 -10.37
C LEU C 291 0.02 -26.37 -11.85
N ILE C 292 -0.93 -25.96 -12.70
CA ILE C 292 -0.67 -25.87 -14.14
C ILE C 292 0.40 -24.81 -14.44
N ARG C 293 0.31 -23.70 -13.72
CA ARG C 293 1.19 -22.55 -13.90
C ARG C 293 2.65 -22.86 -13.54
N HIS C 294 2.86 -23.64 -12.49
CA HIS C 294 4.20 -24.10 -12.12
C HIS C 294 4.56 -25.42 -12.81
N ARG C 295 3.62 -25.91 -13.63
CA ARG C 295 3.81 -27.13 -14.41
C ARG C 295 4.08 -28.34 -13.50
N PHE C 296 3.42 -28.36 -12.34
CA PHE C 296 3.47 -29.49 -11.42
C PHE C 296 2.45 -30.54 -11.82
N ALA C 297 1.41 -30.13 -12.55
CA ALA C 297 0.38 -31.06 -13.01
C ALA C 297 -0.06 -30.74 -14.43
N GLU C 298 -0.94 -31.58 -14.96
CA GLU C 298 -1.50 -31.41 -16.30
C GLU C 298 -3.02 -31.25 -16.17
N PRO C 299 -3.61 -30.36 -17.00
CA PRO C 299 -5.08 -30.23 -17.03
C PRO C 299 -5.75 -31.42 -17.73
N ILE C 300 -7.05 -31.59 -17.52
CA ILE C 300 -7.83 -32.65 -18.19
C ILE C 300 -7.97 -32.37 -19.68
#